data_6SHD
#
_entry.id   6SHD
#
_cell.length_a   187.261
_cell.length_b   37.507
_cell.length_c   187.457
_cell.angle_alpha   90.000
_cell.angle_beta   100.950
_cell.angle_gamma   90.000
#
_symmetry.space_group_name_H-M   'I 1 2 1'
#
loop_
_entity.id
_entity.type
_entity.pdbx_description
1 polymer Alpha-1,6-mannanase
2 water water
#
_entity_poly.entity_id   1
_entity_poly.type   'polypeptide(L)'
_entity_poly.pdbx_seq_one_letter_code
;GSSHHHHHHSSGLVPRGSHMASSADDDGIDDVQEEEEEQPVEPGEEEDDEVADWGEVAENLQEQTYNIYLTSNGTFRQDN
EGNENFNYWWNAHMLDVLIDGYERTGDESYLPKMKSLLEGIEVRNGNKYENVFIDDMEWLGIACLRTYKLTNDQQYKEVA
DLLWEETKQGWSDVHGGGIAWKTDTPNSKNACSNGPAAIFALYLYEIDQDEEDLEWAKKIYHWLKDTLVDPESGLVWDNI
DYHDGEAIINRDWIFTYNVGTYIGAANLLHQATGEGMYLDDAIKSASSVVAPGELTTGGVLKNEGQGDGGLFKGILVRYF
TQLALNPDLPDGKRNEFEEFVLFNAETLYHNGLTSAGLAGPNWNDEPSGRVDLSTQLSGVMLMEAKALLE
;
_entity_poly.pdbx_strand_id   A,B,C
#
# COMPACT_ATOMS: atom_id res chain seq x y z
N ASP A 53 16.89 20.63 -34.21
CA ASP A 53 15.78 20.35 -35.15
C ASP A 53 14.45 20.77 -34.52
N TRP A 54 13.40 20.94 -35.32
CA TRP A 54 12.05 21.31 -34.85
C TRP A 54 11.60 20.34 -33.78
N GLY A 55 11.83 19.01 -33.91
CA GLY A 55 11.43 18.04 -32.90
C GLY A 55 11.99 18.38 -31.53
N GLU A 56 13.26 18.80 -31.49
CA GLU A 56 13.88 19.13 -30.21
C GLU A 56 13.32 20.42 -29.63
N VAL A 57 12.97 21.38 -30.49
CA VAL A 57 12.27 22.59 -30.05
C VAL A 57 10.95 22.23 -29.40
N ALA A 58 10.17 21.37 -30.07
CA ALA A 58 8.88 20.95 -29.53
C ALA A 58 9.05 20.22 -28.21
N GLU A 59 10.03 19.31 -28.13
CA GLU A 59 10.28 18.59 -26.89
C GLU A 59 10.60 19.54 -25.76
N ASN A 60 11.43 20.55 -26.02
CA ASN A 60 11.77 21.49 -24.96
C ASN A 60 10.56 22.28 -24.50
N LEU A 61 9.73 22.75 -25.45
CA LEU A 61 8.51 23.44 -25.05
C LEU A 61 7.58 22.52 -24.27
N GLN A 62 7.54 21.24 -24.63
CA GLN A 62 6.74 20.27 -23.89
C GLN A 62 7.18 20.20 -22.43
N GLU A 63 8.48 20.00 -22.22
CA GLU A 63 8.99 19.90 -20.86
C GLU A 63 8.70 21.16 -20.05
N GLN A 64 8.96 22.33 -20.66
CA GLN A 64 8.73 23.59 -19.96
C GLN A 64 7.25 23.76 -19.60
N THR A 65 6.35 23.52 -20.56
CA THR A 65 4.92 23.65 -20.26
C THR A 65 4.55 22.76 -19.10
N TYR A 66 4.94 21.48 -19.16
CA TYR A 66 4.57 20.54 -18.10
C TYR A 66 5.06 21.02 -16.75
N ASN A 67 6.33 21.38 -16.64
CA ASN A 67 6.85 21.70 -15.31
C ASN A 67 6.29 23.01 -14.78
N ILE A 68 6.08 24.00 -15.64
CA ILE A 68 5.58 25.29 -15.15
C ILE A 68 4.12 25.20 -14.77
N TYR A 69 3.31 24.43 -15.49
CA TYR A 69 1.87 24.51 -15.27
C TYR A 69 1.30 23.33 -14.49
N LEU A 70 2.06 22.26 -14.30
CA LEU A 70 1.56 21.12 -13.55
C LEU A 70 1.01 21.59 -12.21
N THR A 71 -0.14 21.06 -11.85
CA THR A 71 -0.70 21.41 -10.56
C THR A 71 -1.41 20.18 -10.01
N SER A 72 -2.40 20.40 -9.14
CA SER A 72 -3.03 19.29 -8.45
C SER A 72 -3.64 18.32 -9.45
N ASN A 73 -3.66 17.05 -9.06
CA ASN A 73 -4.40 16.01 -9.76
C ASN A 73 -3.90 15.74 -11.17
N GLY A 74 -2.68 16.10 -11.50
CA GLY A 74 -2.21 15.90 -12.85
C GLY A 74 -2.82 16.83 -13.88
N THR A 75 -3.52 17.88 -13.45
CA THR A 75 -4.06 18.87 -14.35
C THR A 75 -3.10 20.07 -14.40
N PHE A 76 -3.50 21.14 -15.09
CA PHE A 76 -2.60 22.24 -15.38
C PHE A 76 -3.27 23.58 -15.09
N ARG A 77 -2.52 24.45 -14.42
CA ARG A 77 -3.10 25.65 -13.83
C ARG A 77 -3.28 26.74 -14.88
N GLN A 78 -4.03 27.77 -14.50
CA GLN A 78 -4.40 28.81 -15.45
C GLN A 78 -3.20 29.59 -15.93
N ASP A 79 -2.29 29.95 -15.03
CA ASP A 79 -1.13 30.71 -15.48
C ASP A 79 0.10 30.37 -14.65
N ASN A 80 1.22 30.98 -15.04
CA ASN A 80 2.51 30.83 -14.39
C ASN A 80 2.72 31.78 -13.23
N GLU A 81 1.69 32.47 -12.75
CA GLU A 81 1.81 33.36 -11.59
C GLU A 81 0.90 32.89 -10.46
N GLY A 82 0.75 31.58 -10.33
CA GLY A 82 0.05 30.99 -9.21
C GLY A 82 -1.46 31.01 -9.28
N ASN A 83 -2.07 31.48 -10.36
CA ASN A 83 -3.50 31.34 -10.52
C ASN A 83 -3.81 29.88 -10.79
N GLU A 84 -4.48 29.20 -9.84
CA GLU A 84 -4.78 27.76 -9.80
C GLU A 84 -6.11 27.43 -10.45
N ASN A 85 -6.82 28.41 -11.00
CA ASN A 85 -8.15 28.21 -11.63
C ASN A 85 -8.09 27.04 -12.62
N PHE A 86 -9.07 26.15 -12.58
CA PHE A 86 -9.14 25.01 -13.49
C PHE A 86 -9.87 25.46 -14.76
N ASN A 87 -9.26 25.34 -15.94
CA ASN A 87 -9.89 25.65 -17.22
C ASN A 87 -10.05 24.34 -17.99
N TYR A 88 -11.27 23.82 -18.00
CA TYR A 88 -11.55 22.49 -18.57
C TYR A 88 -11.04 22.37 -20.00
N TRP A 89 -11.43 23.29 -20.88
CA TRP A 89 -11.08 23.10 -22.29
C TRP A 89 -9.62 23.42 -22.58
N TRP A 90 -8.96 24.24 -21.76
CA TRP A 90 -7.52 24.39 -21.90
C TRP A 90 -6.82 23.08 -21.54
N ASN A 91 -7.31 22.39 -20.52
CA ASN A 91 -6.70 21.11 -20.14
C ASN A 91 -6.99 20.03 -21.18
N ALA A 92 -8.15 20.11 -21.85
CA ALA A 92 -8.36 19.24 -23.01
C ALA A 92 -7.30 19.46 -24.07
N HIS A 93 -6.95 20.71 -24.34
CA HIS A 93 -5.91 20.94 -25.34
C HIS A 93 -4.52 20.59 -24.83
N MET A 94 -4.29 20.63 -23.52
CA MET A 94 -3.05 20.06 -23.01
C MET A 94 -2.98 18.57 -23.33
N LEU A 95 -4.10 17.86 -23.20
CA LEU A 95 -4.14 16.46 -23.63
C LEU A 95 -3.76 16.34 -25.10
N ASP A 96 -4.33 17.21 -25.94
CA ASP A 96 -3.97 17.22 -27.36
C ASP A 96 -2.46 17.39 -27.57
N VAL A 97 -1.83 18.28 -26.79
CA VAL A 97 -0.39 18.52 -26.95
C VAL A 97 0.41 17.31 -26.51
N LEU A 98 -0.02 16.67 -25.42
CA LEU A 98 0.69 15.47 -24.97
C LEU A 98 0.60 14.37 -26.00
N ILE A 99 -0.56 14.23 -26.64
CA ILE A 99 -0.70 13.25 -27.70
C ILE A 99 0.23 13.59 -28.86
N ASP A 100 0.35 14.87 -29.21
CA ASP A 100 1.31 15.29 -30.22
C ASP A 100 2.68 14.74 -29.89
N GLY A 101 3.11 14.93 -28.64
CA GLY A 101 4.42 14.47 -28.22
C GLY A 101 4.57 12.97 -28.32
N TYR A 102 3.57 12.23 -27.83
CA TYR A 102 3.60 10.77 -27.93
C TYR A 102 3.70 10.32 -29.39
N GLU A 103 2.94 10.93 -30.27
CA GLU A 103 2.94 10.54 -31.68
C GLU A 103 4.29 10.84 -32.32
N ARG A 104 4.93 11.94 -31.93
CA ARG A 104 6.27 12.23 -32.46
C ARG A 104 7.28 11.23 -31.94
N THR A 105 7.33 11.04 -30.62
CA THR A 105 8.45 10.34 -30.00
C THR A 105 8.22 8.87 -29.71
N GLY A 106 6.98 8.44 -29.54
CA GLY A 106 6.70 7.08 -29.11
C GLY A 106 7.18 6.82 -27.69
N ASP A 107 7.50 7.91 -27.00
CA ASP A 107 8.02 7.84 -25.63
C ASP A 107 6.89 7.51 -24.65
N GLU A 108 7.00 6.36 -23.99
CA GLU A 108 5.93 5.85 -23.14
C GLU A 108 5.64 6.77 -21.96
N SER A 109 6.56 7.66 -21.61
CA SER A 109 6.36 8.56 -20.47
C SER A 109 5.21 9.52 -20.70
N TYR A 110 4.83 9.76 -21.95
CA TYR A 110 3.65 10.59 -22.19
C TYR A 110 2.39 9.90 -21.68
N LEU A 111 2.37 8.58 -21.63
CA LEU A 111 1.09 7.90 -21.41
C LEU A 111 0.57 8.08 -20.00
N PRO A 112 1.42 8.00 -18.96
CA PRO A 112 0.90 8.28 -17.62
C PRO A 112 0.46 9.73 -17.45
N LYS A 113 1.19 10.66 -18.07
CA LYS A 113 0.80 12.07 -17.99
C LYS A 113 -0.57 12.28 -18.62
N MET A 114 -0.80 11.69 -19.80
CA MET A 114 -2.12 11.76 -20.44
C MET A 114 -3.18 11.18 -19.50
N LYS A 115 -2.90 10.01 -18.92
CA LYS A 115 -3.97 9.35 -18.17
C LYS A 115 -4.28 10.13 -16.89
N SER A 116 -3.25 10.58 -16.19
CA SER A 116 -3.48 11.41 -15.02
C SER A 116 -4.32 12.62 -15.39
N LEU A 117 -3.98 13.27 -16.51
CA LEU A 117 -4.75 14.43 -16.93
C LEU A 117 -6.22 14.06 -17.12
N LEU A 118 -6.47 12.96 -17.84
CA LEU A 118 -7.84 12.54 -18.08
C LEU A 118 -8.60 12.43 -16.77
N GLU A 119 -7.97 11.81 -15.77
CA GLU A 119 -8.66 11.57 -14.51
C GLU A 119 -8.75 12.84 -13.70
N GLY A 120 -7.71 13.69 -13.80
CA GLY A 120 -7.72 14.91 -13.02
C GLY A 120 -8.79 15.87 -13.51
N ILE A 121 -8.99 15.91 -14.82
CA ILE A 121 -10.07 16.73 -15.37
C ILE A 121 -11.38 16.36 -14.71
N GLU A 122 -11.63 15.06 -14.53
CA GLU A 122 -12.90 14.67 -13.93
C GLU A 122 -13.00 15.19 -12.50
N VAL A 123 -11.89 15.11 -11.75
CA VAL A 123 -11.93 15.50 -10.35
C VAL A 123 -12.20 16.99 -10.23
N ARG A 124 -11.41 17.82 -10.94
CA ARG A 124 -11.48 19.26 -10.77
C ARG A 124 -12.75 19.84 -11.39
N ASN A 125 -13.45 19.08 -12.23
CA ASN A 125 -14.73 19.47 -12.79
C ASN A 125 -15.89 19.00 -11.91
N GLY A 126 -15.62 18.70 -10.64
CA GLY A 126 -16.65 18.24 -9.73
C GLY A 126 -16.98 16.77 -9.86
N ASN A 127 -15.99 15.94 -10.16
CA ASN A 127 -16.14 14.48 -10.19
C ASN A 127 -17.15 14.05 -11.24
N LYS A 128 -17.09 14.71 -12.40
CA LYS A 128 -17.93 14.41 -13.55
C LYS A 128 -17.23 15.03 -14.75
N TYR A 129 -17.58 14.54 -15.94
CA TYR A 129 -17.04 15.10 -17.16
C TYR A 129 -17.99 16.07 -17.84
N GLU A 130 -19.28 16.02 -17.50
CA GLU A 130 -20.23 16.92 -18.12
C GLU A 130 -19.97 18.35 -17.67
N ASN A 131 -20.25 19.28 -18.58
CA ASN A 131 -19.97 20.70 -18.39
C ASN A 131 -21.10 21.49 -19.05
N VAL A 132 -21.47 22.61 -18.43
CA VAL A 132 -22.50 23.41 -19.06
C VAL A 132 -21.98 24.03 -20.37
N PHE A 133 -20.65 24.13 -20.55
CA PHE A 133 -20.06 24.57 -21.82
C PHE A 133 -20.01 23.37 -22.77
N ILE A 134 -20.79 23.42 -23.84
CA ILE A 134 -20.85 22.27 -24.74
C ILE A 134 -19.59 22.19 -25.60
N ASP A 135 -19.03 23.32 -26.01
CA ASP A 135 -17.77 23.30 -26.73
C ASP A 135 -16.67 22.63 -25.90
N ASP A 136 -16.63 22.89 -24.59
CA ASP A 136 -15.64 22.23 -23.73
C ASP A 136 -15.70 20.72 -23.89
N MET A 137 -16.91 20.15 -23.78
CA MET A 137 -17.10 18.73 -23.93
C MET A 137 -16.62 18.27 -25.30
N GLU A 138 -16.92 19.04 -26.35
CA GLU A 138 -16.49 18.63 -27.68
C GLU A 138 -14.97 18.54 -27.77
N TRP A 139 -14.27 19.55 -27.26
CA TRP A 139 -12.80 19.53 -27.32
C TRP A 139 -12.23 18.32 -26.59
N LEU A 140 -12.76 18.02 -25.40
CA LEU A 140 -12.24 16.86 -24.67
C LEU A 140 -12.57 15.57 -25.40
N GLY A 141 -13.76 15.48 -25.99
CA GLY A 141 -14.13 14.29 -26.74
C GLY A 141 -13.18 14.04 -27.88
N ILE A 142 -12.80 15.10 -28.60
CA ILE A 142 -11.85 14.96 -29.70
C ILE A 142 -10.52 14.41 -29.20
N ALA A 143 -10.00 15.00 -28.11
CA ALA A 143 -8.72 14.53 -27.57
C ALA A 143 -8.81 13.07 -27.16
N CYS A 144 -9.95 12.68 -26.56
CA CYS A 144 -10.12 11.30 -26.11
C CYS A 144 -10.15 10.33 -27.29
N LEU A 145 -10.86 10.68 -28.37
CA LEU A 145 -10.92 9.80 -29.53
C LEU A 145 -9.58 9.72 -30.24
N ARG A 146 -8.82 10.82 -30.27
CA ARG A 146 -7.46 10.76 -30.79
C ARG A 146 -6.65 9.71 -30.02
N THR A 147 -6.70 9.80 -28.68
CA THR A 147 -5.95 8.87 -27.86
C THR A 147 -6.45 7.43 -28.06
N TYR A 148 -7.77 7.23 -28.16
CA TYR A 148 -8.28 5.89 -28.38
C TYR A 148 -7.73 5.32 -29.67
N LYS A 149 -7.80 6.10 -30.76
CA LYS A 149 -7.26 5.62 -32.03
C LYS A 149 -5.81 5.20 -31.89
N LEU A 150 -5.06 5.87 -31.02
CA LEU A 150 -3.64 5.57 -30.92
C LEU A 150 -3.28 4.48 -29.91
N THR A 151 -4.10 4.23 -28.89
CA THR A 151 -3.74 3.33 -27.81
C THR A 151 -4.74 2.21 -27.58
N ASN A 152 -5.96 2.32 -28.11
CA ASN A 152 -7.03 1.36 -27.85
C ASN A 152 -7.41 1.31 -26.37
N ASP A 153 -7.09 2.35 -25.60
CA ASP A 153 -7.45 2.41 -24.19
C ASP A 153 -8.92 2.80 -24.06
N GLN A 154 -9.75 1.85 -23.64
CA GLN A 154 -11.19 2.03 -23.63
C GLN A 154 -11.66 3.10 -22.64
N GLN A 155 -10.83 3.47 -21.66
CA GLN A 155 -11.23 4.54 -20.74
C GLN A 155 -11.47 5.85 -21.50
N TYR A 156 -10.64 6.13 -22.49
CA TYR A 156 -10.79 7.31 -23.33
C TYR A 156 -12.07 7.24 -24.18
N LYS A 157 -12.35 6.05 -24.75
CA LYS A 157 -13.56 5.91 -25.54
C LYS A 157 -14.81 6.10 -24.70
N GLU A 158 -14.85 5.53 -23.50
CA GLU A 158 -16.03 5.70 -22.65
C GLU A 158 -16.28 7.17 -22.33
N VAL A 159 -15.21 7.92 -22.03
CA VAL A 159 -15.38 9.36 -21.80
C VAL A 159 -15.98 10.01 -23.04
N ALA A 160 -15.43 9.68 -24.21
CA ALA A 160 -15.89 10.32 -25.44
C ALA A 160 -17.36 10.02 -25.72
N ASP A 161 -17.81 8.80 -25.44
CA ASP A 161 -19.21 8.44 -25.70
C ASP A 161 -20.16 9.25 -24.83
N LEU A 162 -19.83 9.36 -23.54
CA LEU A 162 -20.60 10.23 -22.65
C LEU A 162 -20.69 11.65 -23.22
N LEU A 163 -19.55 12.18 -23.66
CA LEU A 163 -19.55 13.55 -24.10
C LEU A 163 -20.28 13.72 -25.43
N TRP A 164 -20.26 12.70 -26.29
CA TRP A 164 -20.98 12.79 -27.56
C TRP A 164 -22.48 12.84 -27.33
N GLU A 165 -22.98 12.05 -26.38
CA GLU A 165 -24.40 12.16 -26.07
C GLU A 165 -24.76 13.56 -25.58
N GLU A 166 -23.93 14.11 -24.67
CA GLU A 166 -24.13 15.49 -24.24
C GLU A 166 -24.14 16.45 -25.43
N THR A 167 -23.22 16.24 -26.37
CA THR A 167 -23.08 17.16 -27.49
C THR A 167 -24.34 17.16 -28.34
N LYS A 168 -24.82 15.97 -28.73
CA LYS A 168 -26.02 15.90 -29.54
C LYS A 168 -27.20 16.56 -28.86
N GLN A 169 -27.34 16.40 -27.55
CA GLN A 169 -28.46 17.06 -26.89
C GLN A 169 -28.46 18.57 -27.08
N GLY A 170 -27.34 19.17 -27.49
CA GLY A 170 -27.23 20.60 -27.71
C GLY A 170 -27.81 21.10 -29.02
N TRP A 171 -28.09 20.20 -29.94
CA TRP A 171 -28.74 20.59 -31.19
C TRP A 171 -30.15 21.09 -30.93
N SER A 172 -30.57 22.07 -31.72
CA SER A 172 -31.93 22.60 -31.66
C SER A 172 -32.20 23.32 -32.97
N ASP A 173 -33.47 23.67 -33.18
CA ASP A 173 -33.95 24.41 -34.34
C ASP A 173 -33.77 25.91 -34.19
N VAL A 174 -33.24 26.39 -33.07
CA VAL A 174 -32.98 27.82 -32.93
C VAL A 174 -31.94 28.22 -33.97
N HIS A 175 -32.25 29.27 -34.71
CA HIS A 175 -31.46 29.70 -35.87
C HIS A 175 -31.35 28.63 -36.94
N GLY A 176 -32.30 27.70 -37.02
CA GLY A 176 -32.35 26.75 -38.11
C GLY A 176 -31.51 25.50 -37.95
N GLY A 177 -30.86 25.32 -36.81
CA GLY A 177 -30.01 24.18 -36.60
C GLY A 177 -28.81 24.58 -35.77
N GLY A 178 -27.83 23.70 -35.72
CA GLY A 178 -26.62 23.97 -34.98
C GLY A 178 -26.70 23.58 -33.52
N ILE A 179 -25.52 23.34 -32.95
CA ILE A 179 -25.38 22.95 -31.56
C ILE A 179 -25.21 24.20 -30.71
N ALA A 180 -25.92 24.26 -29.59
CA ALA A 180 -25.84 25.43 -28.73
C ALA A 180 -24.46 25.53 -28.10
N TRP A 181 -24.10 26.77 -27.75
CA TRP A 181 -22.86 27.05 -27.07
C TRP A 181 -22.83 26.43 -25.67
N LYS A 182 -23.88 26.63 -24.89
CA LYS A 182 -23.95 26.15 -23.52
C LYS A 182 -25.34 25.57 -23.27
N THR A 183 -25.45 24.72 -22.24
CA THR A 183 -26.77 24.15 -21.98
C THR A 183 -27.72 25.17 -21.34
N ASP A 184 -27.21 26.28 -20.77
CA ASP A 184 -28.05 27.34 -20.25
C ASP A 184 -28.07 28.58 -21.16
N THR A 185 -27.53 28.47 -22.37
CA THR A 185 -27.55 29.54 -23.36
C THR A 185 -27.96 28.91 -24.69
N PRO A 186 -29.19 28.41 -24.78
CA PRO A 186 -29.60 27.65 -25.99
C PRO A 186 -29.77 28.48 -27.24
N ASN A 187 -29.84 29.81 -27.13
CA ASN A 187 -30.11 30.65 -28.30
C ASN A 187 -28.83 31.20 -28.92
N SER A 188 -27.66 30.78 -28.43
CA SER A 188 -26.39 31.10 -29.05
C SER A 188 -25.88 29.85 -29.73
N LYS A 189 -25.69 29.91 -31.05
CA LYS A 189 -25.11 28.81 -31.83
C LYS A 189 -23.75 29.30 -32.34
N ASN A 190 -22.68 28.66 -31.89
CA ASN A 190 -21.34 29.19 -32.11
C ASN A 190 -20.49 28.29 -33.02
N ALA A 191 -19.58 28.93 -33.76
CA ALA A 191 -18.65 28.16 -34.58
C ALA A 191 -17.85 27.19 -33.71
N CYS A 192 -17.53 27.59 -32.48
CA CYS A 192 -16.69 26.76 -31.61
C CYS A 192 -17.48 25.64 -30.92
N SER A 193 -18.81 25.59 -31.06
CA SER A 193 -19.57 24.45 -30.57
C SER A 193 -20.11 23.61 -31.71
N ASN A 194 -19.71 23.91 -32.93
CA ASN A 194 -20.18 23.21 -34.13
C ASN A 194 -19.05 22.66 -34.96
N GLY A 195 -18.01 23.44 -35.26
CA GLY A 195 -16.85 22.92 -35.94
C GLY A 195 -16.26 21.72 -35.20
N PRO A 196 -15.96 21.91 -33.91
CA PRO A 196 -15.49 20.76 -33.11
C PRO A 196 -16.49 19.64 -33.05
N ALA A 197 -17.79 19.93 -33.02
CA ALA A 197 -18.78 18.85 -32.99
C ALA A 197 -18.70 18.01 -34.26
N ALA A 198 -18.52 18.66 -35.41
CA ALA A 198 -18.39 17.92 -36.66
C ALA A 198 -17.12 17.07 -36.65
N ILE A 199 -16.03 17.62 -36.12
CA ILE A 199 -14.78 16.86 -36.03
C ILE A 199 -14.96 15.64 -35.11
N PHE A 200 -15.52 15.86 -33.93
CA PHE A 200 -15.88 14.82 -32.97
C PHE A 200 -16.69 13.72 -33.65
N ALA A 201 -17.76 14.10 -34.34
CA ALA A 201 -18.58 13.11 -35.04
C ALA A 201 -17.78 12.35 -36.09
N LEU A 202 -16.85 13.02 -36.77
CA LEU A 202 -16.07 12.36 -37.81
C LEU A 202 -15.08 11.35 -37.21
N TYR A 203 -14.46 11.68 -36.09
CA TYR A 203 -13.61 10.71 -35.41
C TYR A 203 -14.44 9.52 -34.91
N LEU A 204 -15.62 9.79 -34.35
CA LEU A 204 -16.51 8.72 -33.94
C LEU A 204 -16.91 7.84 -35.12
N TYR A 205 -17.22 8.45 -36.26
CA TYR A 205 -17.60 7.68 -37.43
C TYR A 205 -16.44 6.83 -37.92
N GLU A 206 -15.25 7.43 -37.99
CA GLU A 206 -14.07 6.68 -38.38
C GLU A 206 -13.85 5.48 -37.47
N ILE A 207 -14.22 5.59 -36.19
CA ILE A 207 -13.94 4.47 -35.28
C ILE A 207 -15.05 3.43 -35.25
N ASP A 208 -16.28 3.83 -34.90
CA ASP A 208 -17.39 2.89 -34.75
C ASP A 208 -18.15 2.66 -36.05
N GLN A 209 -17.92 3.49 -37.06
CA GLN A 209 -18.54 3.35 -38.38
C GLN A 209 -20.06 3.24 -38.30
N ASP A 210 -20.68 3.93 -37.33
CA ASP A 210 -22.13 4.07 -37.30
C ASP A 210 -22.53 5.22 -38.23
N GLU A 211 -23.39 4.93 -39.21
CA GLU A 211 -23.72 5.94 -40.21
C GLU A 211 -24.42 7.14 -39.60
N GLU A 212 -25.10 6.97 -38.46
CA GLU A 212 -25.76 8.11 -37.83
C GLU A 212 -24.75 9.17 -37.42
N ASP A 213 -23.52 8.76 -37.10
CA ASP A 213 -22.51 9.73 -36.70
C ASP A 213 -22.06 10.56 -37.90
N LEU A 214 -21.96 9.94 -39.09
CA LEU A 214 -21.65 10.73 -40.28
C LEU A 214 -22.85 11.62 -40.67
N GLU A 215 -24.07 11.11 -40.53
CA GLU A 215 -25.24 11.95 -40.71
C GLU A 215 -25.13 13.21 -39.85
N TRP A 216 -24.76 13.03 -38.59
CA TRP A 216 -24.59 14.17 -37.70
C TRP A 216 -23.50 15.11 -38.20
N ALA A 217 -22.33 14.57 -38.55
CA ALA A 217 -21.26 15.39 -39.09
C ALA A 217 -21.78 16.27 -40.24
N LYS A 218 -22.51 15.66 -41.17
CA LYS A 218 -22.94 16.39 -42.37
C LYS A 218 -23.94 17.47 -42.00
N LYS A 219 -24.92 17.13 -41.17
CA LYS A 219 -25.91 18.08 -40.69
C LYS A 219 -25.23 19.28 -40.04
N ILE A 220 -24.28 19.02 -39.15
CA ILE A 220 -23.59 20.09 -38.45
C ILE A 220 -22.83 20.96 -39.43
N TYR A 221 -22.02 20.34 -40.29
CA TYR A 221 -21.19 21.08 -41.23
C TYR A 221 -22.06 21.91 -42.19
N HIS A 222 -23.15 21.33 -42.68
CA HIS A 222 -24.01 22.07 -43.59
C HIS A 222 -24.57 23.32 -42.92
N TRP A 223 -25.04 23.18 -41.68
CA TRP A 223 -25.55 24.35 -40.99
C TRP A 223 -24.45 25.39 -40.78
N LEU A 224 -23.26 24.93 -40.36
CA LEU A 224 -22.14 25.84 -40.13
C LEU A 224 -21.80 26.63 -41.39
N LYS A 225 -21.66 25.93 -42.50
CA LYS A 225 -21.30 26.56 -43.76
C LYS A 225 -22.39 27.53 -44.21
N ASP A 226 -23.66 27.13 -44.06
CA ASP A 226 -24.75 27.99 -44.50
C ASP A 226 -24.86 29.26 -43.66
N THR A 227 -24.57 29.17 -42.36
CA THR A 227 -24.89 30.24 -41.44
C THR A 227 -23.71 31.12 -41.09
N LEU A 228 -22.54 30.55 -40.86
CA LEU A 228 -21.46 31.29 -40.24
C LEU A 228 -20.21 31.42 -41.11
N VAL A 229 -20.25 30.94 -42.35
CA VAL A 229 -19.08 30.95 -43.22
C VAL A 229 -19.31 31.97 -44.33
N ASP A 230 -18.37 32.88 -44.49
CA ASP A 230 -18.46 33.87 -45.53
C ASP A 230 -18.32 33.20 -46.89
N PRO A 231 -19.30 33.32 -47.79
CA PRO A 231 -19.24 32.57 -49.05
C PRO A 231 -18.03 32.91 -49.91
N GLU A 232 -17.45 34.10 -49.76
CA GLU A 232 -16.37 34.45 -50.69
C GLU A 232 -14.99 34.14 -50.11
N SER A 233 -14.76 34.48 -48.84
CA SER A 233 -13.46 34.26 -48.23
C SER A 233 -13.33 32.91 -47.54
N GLY A 234 -14.44 32.29 -47.15
CA GLY A 234 -14.34 31.12 -46.30
C GLY A 234 -13.90 31.39 -44.88
N LEU A 235 -13.81 32.65 -44.48
CA LEU A 235 -13.62 32.96 -43.06
C LEU A 235 -14.92 32.69 -42.30
N VAL A 236 -14.79 32.51 -40.99
CA VAL A 236 -15.88 32.00 -40.17
C VAL A 236 -16.19 33.01 -39.07
N TRP A 237 -17.46 33.40 -38.99
CA TRP A 237 -17.94 34.32 -37.97
C TRP A 237 -18.20 33.57 -36.66
N ASP A 238 -18.17 34.30 -35.55
CA ASP A 238 -18.06 33.61 -34.27
C ASP A 238 -19.34 32.90 -33.88
N ASN A 239 -20.49 33.56 -34.07
CA ASN A 239 -21.74 33.02 -33.58
C ASN A 239 -22.93 33.76 -34.16
N ILE A 240 -24.10 33.14 -34.01
CA ILE A 240 -25.41 33.76 -34.24
C ILE A 240 -26.20 33.62 -32.94
N ASP A 241 -26.82 34.71 -32.50
CA ASP A 241 -27.40 34.79 -31.16
C ASP A 241 -28.57 35.78 -31.19
N TYR A 242 -29.47 35.66 -30.20
CA TYR A 242 -30.57 36.61 -30.05
C TYR A 242 -30.14 37.69 -29.05
N HIS A 243 -30.17 38.94 -29.50
CA HIS A 243 -29.85 40.11 -28.68
C HIS A 243 -31.07 41.02 -28.71
N ASP A 244 -31.63 41.30 -27.53
CA ASP A 244 -32.79 42.19 -27.41
C ASP A 244 -33.86 41.83 -28.42
N GLY A 245 -34.09 40.52 -28.58
CA GLY A 245 -35.18 40.03 -29.38
C GLY A 245 -34.85 39.72 -30.82
N GLU A 246 -33.64 40.00 -31.30
CA GLU A 246 -33.37 39.87 -32.73
C GLU A 246 -32.10 39.06 -32.98
N ALA A 247 -32.11 38.36 -34.12
CA ALA A 247 -31.03 37.43 -34.47
C ALA A 247 -29.89 38.21 -35.12
N ILE A 248 -28.71 38.12 -34.51
CA ILE A 248 -27.53 38.83 -34.98
C ILE A 248 -26.38 37.85 -35.15
N ILE A 249 -25.67 37.98 -36.25
CA ILE A 249 -24.43 37.26 -36.49
C ILE A 249 -23.27 38.19 -36.19
N ASN A 250 -22.33 37.73 -35.38
CA ASN A 250 -21.18 38.57 -35.06
C ASN A 250 -20.11 38.36 -36.13
N ARG A 251 -20.18 39.20 -37.17
CA ARG A 251 -19.17 39.19 -38.23
C ARG A 251 -17.90 39.92 -37.83
N ASP A 252 -17.91 40.68 -36.74
CA ASP A 252 -16.71 41.39 -36.32
C ASP A 252 -15.70 40.43 -35.69
N TRP A 253 -16.17 39.35 -35.12
CA TRP A 253 -15.32 38.39 -34.41
C TRP A 253 -14.98 37.26 -35.38
N ILE A 254 -13.88 37.42 -36.10
CA ILE A 254 -13.30 36.39 -36.94
C ILE A 254 -12.04 35.91 -36.23
N PHE A 255 -12.12 34.71 -35.67
CA PHE A 255 -11.07 34.14 -34.86
C PHE A 255 -10.40 33.00 -35.61
N THR A 256 -9.09 32.87 -35.38
CA THR A 256 -8.30 31.86 -36.06
C THR A 256 -8.89 30.47 -35.89
N TYR A 257 -9.26 30.12 -34.65
CA TYR A 257 -9.60 28.73 -34.36
C TYR A 257 -10.95 28.33 -34.93
N ASN A 258 -11.82 29.29 -35.24
CA ASN A 258 -13.08 28.94 -35.91
C ASN A 258 -12.86 28.62 -37.39
N VAL A 259 -12.04 29.41 -38.09
CA VAL A 259 -11.72 28.97 -39.45
C VAL A 259 -10.94 27.67 -39.38
N GLY A 260 -10.16 27.48 -38.32
CA GLY A 260 -9.39 26.26 -38.17
C GLY A 260 -10.27 25.02 -38.06
N THR A 261 -11.28 25.06 -37.19
CA THR A 261 -12.12 23.88 -37.04
C THR A 261 -13.03 23.72 -38.26
N TYR A 262 -13.37 24.80 -38.95
CA TYR A 262 -14.07 24.63 -40.21
C TYR A 262 -13.19 23.89 -41.21
N ILE A 263 -11.93 24.30 -41.33
CA ILE A 263 -11.01 23.59 -42.21
C ILE A 263 -10.89 22.13 -41.79
N GLY A 264 -10.74 21.91 -40.49
CA GLY A 264 -10.58 20.55 -39.99
C GLY A 264 -11.78 19.67 -40.32
N ALA A 265 -12.99 20.21 -40.15
CA ALA A 265 -14.19 19.44 -40.44
C ALA A 265 -14.30 19.17 -41.93
N ALA A 266 -14.07 20.19 -42.75
CA ALA A 266 -14.06 20.01 -44.19
C ALA A 266 -13.09 18.92 -44.63
N ASN A 267 -11.85 18.99 -44.13
CA ASN A 267 -10.85 18.00 -44.47
C ASN A 267 -11.28 16.58 -44.05
N LEU A 268 -11.80 16.45 -42.83
CA LEU A 268 -12.24 15.12 -42.40
C LEU A 268 -13.46 14.64 -43.16
N LEU A 269 -14.37 15.54 -43.56
CA LEU A 269 -15.52 15.11 -44.36
C LEU A 269 -15.06 14.65 -45.73
N HIS A 270 -14.06 15.33 -46.29
CA HIS A 270 -13.48 14.84 -47.52
C HIS A 270 -12.98 13.41 -47.35
N GLN A 271 -12.22 13.17 -46.28
CA GLN A 271 -11.68 11.83 -46.05
C GLN A 271 -12.79 10.83 -45.75
N ALA A 272 -13.88 11.25 -45.13
CA ALA A 272 -14.97 10.34 -44.80
C ALA A 272 -15.87 10.04 -45.99
N THR A 273 -15.91 10.91 -47.00
CA THR A 273 -16.83 10.75 -48.11
C THR A 273 -16.20 10.69 -49.49
N GLY A 274 -15.05 11.32 -49.70
CA GLY A 274 -14.47 11.43 -51.02
C GLY A 274 -14.91 12.64 -51.83
N GLU A 275 -15.97 13.33 -51.43
CA GLU A 275 -16.56 14.39 -52.23
C GLU A 275 -15.65 15.62 -52.25
N GLY A 276 -15.22 16.01 -53.45
CA GLY A 276 -14.30 17.13 -53.64
C GLY A 276 -14.82 18.46 -53.14
N MET A 277 -16.14 18.62 -52.99
CA MET A 277 -16.67 19.91 -52.53
C MET A 277 -16.10 20.25 -51.16
N TYR A 278 -15.93 19.24 -50.30
CA TYR A 278 -15.39 19.50 -48.96
C TYR A 278 -13.95 19.98 -49.04
N LEU A 279 -13.13 19.37 -49.91
CA LEU A 279 -11.75 19.80 -50.02
C LEU A 279 -11.65 21.20 -50.61
N ASP A 280 -12.52 21.52 -51.58
CA ASP A 280 -12.54 22.88 -52.10
C ASP A 280 -12.88 23.88 -51.02
N ASP A 281 -13.87 23.57 -50.18
CA ASP A 281 -14.19 24.40 -49.02
C ASP A 281 -12.94 24.64 -48.17
N ALA A 282 -12.29 23.55 -47.75
CA ALA A 282 -11.09 23.65 -46.92
C ALA A 282 -10.04 24.54 -47.58
N ILE A 283 -9.82 24.34 -48.88
CA ILE A 283 -8.77 25.09 -49.57
C ILE A 283 -9.10 26.58 -49.62
N LYS A 284 -10.35 26.94 -49.87
CA LYS A 284 -10.69 28.37 -49.93
C LYS A 284 -10.43 29.04 -48.58
N SER A 285 -10.86 28.38 -47.49
CA SER A 285 -10.62 28.95 -46.17
C SER A 285 -9.13 29.07 -45.88
N ALA A 286 -8.37 28.01 -46.15
CA ALA A 286 -6.94 28.03 -45.83
C ALA A 286 -6.21 29.07 -46.67
N SER A 287 -6.60 29.22 -47.93
CA SER A 287 -5.94 30.21 -48.78
C SER A 287 -6.19 31.61 -48.25
N SER A 288 -7.40 31.86 -47.72
CA SER A 288 -7.66 33.17 -47.12
C SER A 288 -6.85 33.37 -45.85
N VAL A 289 -6.56 32.30 -45.12
CA VAL A 289 -5.67 32.40 -43.97
C VAL A 289 -4.26 32.80 -44.41
N VAL A 290 -3.76 32.19 -45.49
CA VAL A 290 -2.37 32.45 -45.91
C VAL A 290 -2.23 33.85 -46.49
N ALA A 291 -3.10 34.21 -47.45
CA ALA A 291 -2.99 35.51 -48.10
C ALA A 291 -3.17 36.61 -47.07
N PRO A 292 -2.63 37.80 -47.34
CA PRO A 292 -2.77 38.90 -46.38
C PRO A 292 -4.24 39.20 -46.10
N GLY A 293 -4.55 39.50 -44.84
CA GLY A 293 -5.93 39.73 -44.47
C GLY A 293 -6.10 39.85 -42.97
N GLU A 294 -7.31 39.56 -42.51
CA GLU A 294 -7.67 39.88 -41.14
C GLU A 294 -6.91 39.04 -40.13
N LEU A 295 -6.47 37.85 -40.53
CA LEU A 295 -5.93 36.90 -39.57
C LEU A 295 -4.41 36.95 -39.46
N THR A 296 -3.75 37.75 -40.28
CA THR A 296 -2.29 37.81 -40.25
C THR A 296 -1.83 39.26 -40.11
N THR A 297 -0.64 39.41 -39.53
CA THR A 297 0.08 40.68 -39.46
C THR A 297 1.49 40.38 -39.96
N GLY A 298 1.81 40.84 -41.16
CA GLY A 298 3.10 40.54 -41.76
C GLY A 298 3.37 39.07 -42.01
N GLY A 299 2.37 38.33 -42.47
CA GLY A 299 2.55 36.92 -42.69
C GLY A 299 2.56 36.07 -41.45
N VAL A 300 2.25 36.65 -40.29
CA VAL A 300 2.25 35.93 -39.02
C VAL A 300 0.85 36.01 -38.42
N LEU A 301 0.37 34.86 -37.93
CA LEU A 301 -0.93 34.81 -37.28
C LEU A 301 -1.00 35.81 -36.15
N LYS A 302 -2.11 36.54 -36.08
CA LYS A 302 -2.19 37.74 -35.26
C LYS A 302 -2.33 37.40 -33.78
N ASN A 303 -2.00 38.41 -32.97
CA ASN A 303 -2.23 38.38 -31.54
C ASN A 303 -3.72 38.48 -31.25
N GLU A 304 -4.25 37.50 -30.52
CA GLU A 304 -5.66 37.46 -30.17
C GLU A 304 -5.85 37.55 -28.65
N GLY A 305 -4.86 38.08 -27.94
CA GLY A 305 -4.95 38.21 -26.51
C GLY A 305 -4.59 36.91 -25.82
N GLN A 306 -4.75 36.91 -24.49
CA GLN A 306 -4.57 35.74 -23.67
C GLN A 306 -5.94 35.23 -23.25
N GLY A 307 -6.04 34.62 -22.07
CA GLY A 307 -7.25 33.91 -21.75
C GLY A 307 -7.59 32.95 -22.88
N ASP A 308 -8.90 32.79 -23.14
CA ASP A 308 -9.32 31.85 -24.17
C ASP A 308 -8.62 32.12 -25.50
N GLY A 309 -8.53 33.39 -25.90
CA GLY A 309 -7.91 33.75 -27.16
C GLY A 309 -6.50 33.21 -27.33
N GLY A 310 -5.80 33.00 -26.22
CA GLY A 310 -4.44 32.49 -26.31
C GLY A 310 -4.35 31.17 -27.05
N LEU A 311 -5.40 30.35 -26.99
CA LEU A 311 -5.34 29.04 -27.63
C LEU A 311 -5.68 29.08 -29.11
N PHE A 312 -6.30 30.17 -29.58
CA PHE A 312 -6.92 30.13 -30.91
C PHE A 312 -5.89 29.78 -31.99
N LYS A 313 -4.75 30.48 -32.00
CA LYS A 313 -3.77 30.24 -33.05
C LYS A 313 -3.40 28.76 -33.14
N GLY A 314 -3.15 28.13 -31.99
CA GLY A 314 -2.66 26.76 -32.04
C GLY A 314 -3.64 25.84 -32.73
N ILE A 315 -4.92 26.05 -32.46
CA ILE A 315 -5.93 25.17 -33.03
C ILE A 315 -5.98 25.34 -34.54
N LEU A 316 -5.89 26.58 -35.01
CA LEU A 316 -5.83 26.77 -36.45
C LEU A 316 -4.64 26.02 -37.03
N VAL A 317 -3.47 26.14 -36.38
CA VAL A 317 -2.31 25.49 -36.97
C VAL A 317 -2.56 23.99 -37.05
N ARG A 318 -3.12 23.41 -36.00
CA ARG A 318 -3.35 21.96 -36.00
C ARG A 318 -4.09 21.56 -37.27
N TYR A 319 -5.23 22.19 -37.55
CA TYR A 319 -6.06 21.69 -38.63
C TYR A 319 -5.53 22.16 -39.98
N PHE A 320 -4.91 23.35 -40.00
CA PHE A 320 -4.21 23.78 -41.19
C PHE A 320 -3.19 22.73 -41.59
N THR A 321 -2.48 22.18 -40.59
CA THR A 321 -1.46 21.19 -40.94
C THR A 321 -2.11 19.92 -41.44
N GLN A 322 -3.21 19.51 -40.82
CA GLN A 322 -3.87 18.29 -41.29
C GLN A 322 -4.29 18.46 -42.74
N LEU A 323 -4.71 19.67 -43.14
CA LEU A 323 -5.08 19.87 -44.54
C LEU A 323 -3.86 19.70 -45.43
N ALA A 324 -2.73 20.28 -45.01
CA ALA A 324 -1.52 20.23 -45.82
C ALA A 324 -1.04 18.80 -46.04
N LEU A 325 -1.45 17.88 -45.18
CA LEU A 325 -1.10 16.48 -45.34
C LEU A 325 -2.14 15.68 -46.08
N ASN A 326 -3.24 16.30 -46.49
CA ASN A 326 -4.26 15.61 -47.26
C ASN A 326 -3.64 15.16 -48.58
N PRO A 327 -3.65 13.86 -48.89
CA PRO A 327 -2.96 13.41 -50.11
C PRO A 327 -3.53 13.99 -51.39
N ASP A 328 -4.82 14.35 -51.40
CA ASP A 328 -5.44 14.91 -52.59
C ASP A 328 -5.25 16.42 -52.73
N LEU A 329 -4.53 17.06 -51.82
CA LEU A 329 -4.27 18.49 -51.97
C LEU A 329 -3.39 18.74 -53.19
N PRO A 330 -3.68 19.76 -54.00
CA PRO A 330 -2.76 20.12 -55.09
C PRO A 330 -1.37 20.43 -54.55
N ASP A 331 -0.35 20.09 -55.34
CA ASP A 331 1.03 20.22 -54.89
C ASP A 331 1.38 21.67 -54.56
N GLY A 332 0.87 22.62 -55.35
CA GLY A 332 1.20 24.01 -55.11
C GLY A 332 0.64 24.51 -53.79
N LYS A 333 -0.61 24.16 -53.51
CA LYS A 333 -1.20 24.52 -52.22
C LYS A 333 -0.45 23.86 -51.08
N ARG A 334 -0.06 22.60 -51.24
CA ARG A 334 0.71 21.92 -50.20
C ARG A 334 1.98 22.70 -49.88
N ASN A 335 2.74 23.05 -50.91
CA ASN A 335 3.98 23.78 -50.69
C ASN A 335 3.70 25.12 -50.00
N GLU A 336 2.68 25.84 -50.45
CA GLU A 336 2.35 27.14 -49.86
C GLU A 336 1.99 27.00 -48.37
N PHE A 337 1.18 26.00 -48.04
CA PHE A 337 0.73 25.84 -46.66
C PHE A 337 1.89 25.43 -45.75
N GLU A 338 2.73 24.50 -46.22
CA GLU A 338 3.92 24.13 -45.46
C GLU A 338 4.82 25.33 -45.22
N GLU A 339 4.98 26.19 -46.24
CA GLU A 339 5.79 27.39 -46.08
C GLU A 339 5.21 28.30 -45.01
N PHE A 340 3.88 28.48 -45.02
CA PHE A 340 3.24 29.31 -44.00
C PHE A 340 3.53 28.80 -42.59
N VAL A 341 3.42 27.49 -42.39
CA VAL A 341 3.71 26.95 -41.07
C VAL A 341 5.17 27.20 -40.70
N LEU A 342 6.08 26.97 -41.64
CA LEU A 342 7.51 27.20 -41.36
C LEU A 342 7.78 28.65 -40.98
N PHE A 343 7.18 29.58 -41.71
CA PHE A 343 7.45 31.01 -41.46
C PHE A 343 6.96 31.41 -40.07
N ASN A 344 5.76 30.93 -39.68
CA ASN A 344 5.28 31.26 -38.34
C ASN A 344 6.18 30.62 -37.27
N ALA A 345 6.62 29.39 -37.52
CA ALA A 345 7.49 28.71 -36.55
C ALA A 345 8.81 29.44 -36.38
N GLU A 346 9.43 29.84 -37.50
CA GLU A 346 10.67 30.60 -37.43
C GLU A 346 10.47 31.89 -36.64
N THR A 347 9.34 32.58 -36.88
CA THR A 347 9.12 33.86 -36.24
C THR A 347 8.98 33.70 -34.73
N LEU A 348 8.20 32.70 -34.29
CA LEU A 348 8.09 32.48 -32.85
C LEU A 348 9.44 32.10 -32.26
N TYR A 349 10.16 31.18 -32.92
CA TYR A 349 11.42 30.69 -32.36
C TYR A 349 12.40 31.82 -32.15
N HIS A 350 12.52 32.73 -33.12
CA HIS A 350 13.55 33.77 -33.02
C HIS A 350 13.10 34.99 -32.23
N ASN A 351 11.80 35.30 -32.21
CA ASN A 351 11.36 36.57 -31.66
C ASN A 351 10.37 36.47 -30.51
N GLY A 352 9.78 35.30 -30.27
CA GLY A 352 8.65 35.24 -29.36
C GLY A 352 8.89 34.45 -28.09
N LEU A 353 9.83 33.52 -28.11
CA LEU A 353 10.04 32.63 -26.99
C LEU A 353 11.00 33.27 -25.99
N THR A 354 10.57 33.36 -24.74
CA THR A 354 11.51 33.71 -23.67
C THR A 354 12.56 32.61 -23.53
N SER A 355 13.64 32.92 -22.82
CA SER A 355 14.71 31.93 -22.67
C SER A 355 14.21 30.68 -21.96
N ALA A 356 13.26 30.83 -21.05
CA ALA A 356 12.70 29.70 -20.31
C ALA A 356 11.70 28.87 -21.12
N GLY A 357 11.34 29.29 -22.32
CA GLY A 357 10.49 28.50 -23.17
C GLY A 357 9.02 28.90 -23.21
N LEU A 358 8.68 30.12 -22.80
CA LEU A 358 7.30 30.56 -22.74
C LEU A 358 6.98 31.44 -23.94
N ALA A 359 5.88 31.14 -24.62
CA ALA A 359 5.42 31.92 -25.77
C ALA A 359 4.30 32.84 -25.34
N GLY A 360 4.28 34.04 -25.90
CA GLY A 360 3.26 35.01 -25.58
C GLY A 360 2.19 35.11 -26.64
N PRO A 361 1.19 35.94 -26.39
CA PRO A 361 0.09 36.05 -27.37
C PRO A 361 0.56 36.53 -28.72
N ASN A 362 1.56 37.40 -28.75
CA ASN A 362 2.16 37.89 -29.99
C ASN A 362 3.41 37.07 -30.27
N TRP A 363 3.37 36.29 -31.35
CA TRP A 363 4.48 35.43 -31.70
C TRP A 363 5.69 36.21 -32.19
N ASN A 364 5.63 37.53 -32.18
CA ASN A 364 6.76 38.36 -32.58
C ASN A 364 7.39 39.11 -31.42
N ASP A 365 6.77 39.11 -30.25
CA ASP A 365 7.28 39.77 -29.06
C ASP A 365 7.32 38.75 -27.92
N GLU A 366 8.41 38.74 -27.17
CA GLU A 366 8.47 37.92 -25.96
C GLU A 366 7.51 38.49 -24.91
N PRO A 367 6.75 37.64 -24.22
CA PRO A 367 5.96 38.13 -23.08
C PRO A 367 6.88 38.51 -21.92
N SER A 368 6.47 39.53 -21.18
CA SER A 368 7.25 40.03 -20.05
C SER A 368 6.58 39.81 -18.70
N GLY A 369 5.38 39.23 -18.68
CA GLY A 369 4.73 38.94 -17.42
C GLY A 369 3.92 37.64 -17.47
N ARG A 370 2.71 37.68 -16.90
CA ARG A 370 1.83 36.52 -16.90
C ARG A 370 1.76 35.90 -18.29
N VAL A 371 1.84 34.57 -18.32
CA VAL A 371 1.59 33.78 -19.54
C VAL A 371 0.56 32.73 -19.16
N ASP A 372 -0.64 32.83 -19.74
CA ASP A 372 -1.67 31.84 -19.47
C ASP A 372 -1.34 30.53 -20.19
N LEU A 373 -1.84 29.42 -19.63
CA LEU A 373 -1.57 28.12 -20.23
C LEU A 373 -2.00 28.10 -21.69
N SER A 374 -3.15 28.70 -21.98
CA SER A 374 -3.67 28.71 -23.35
C SER A 374 -2.66 29.27 -24.34
N THR A 375 -2.14 30.46 -24.02
CA THR A 375 -1.12 31.09 -24.85
C THR A 375 0.05 30.15 -25.10
N GLN A 376 0.53 29.51 -24.03
CA GLN A 376 1.68 28.61 -24.17
C GLN A 376 1.35 27.41 -25.07
N LEU A 377 0.14 26.86 -24.89
CA LEU A 377 -0.26 25.71 -25.70
C LEU A 377 -0.22 26.05 -27.18
N SER A 378 -0.61 27.28 -27.54
CA SER A 378 -0.56 27.63 -28.97
C SER A 378 0.88 27.52 -29.51
N GLY A 379 1.87 27.96 -28.73
CA GLY A 379 3.25 27.84 -29.18
C GLY A 379 3.68 26.38 -29.30
N VAL A 380 3.33 25.58 -28.29
CA VAL A 380 3.68 24.16 -28.37
C VAL A 380 3.04 23.53 -29.59
N MET A 381 1.79 23.87 -29.88
CA MET A 381 1.10 23.25 -31.00
C MET A 381 1.77 23.64 -32.31
N LEU A 382 2.16 24.91 -32.45
CA LEU A 382 2.85 25.32 -33.67
C LEU A 382 4.12 24.51 -33.89
N MET A 383 4.90 24.32 -32.81
CA MET A 383 6.15 23.60 -32.95
C MET A 383 5.93 22.13 -33.27
N GLU A 384 4.96 21.49 -32.61
CA GLU A 384 4.67 20.10 -32.95
C GLU A 384 4.21 19.98 -34.40
N ALA A 385 3.42 20.96 -34.88
CA ALA A 385 2.96 20.92 -36.28
C ALA A 385 4.13 21.05 -37.25
N LYS A 386 5.04 21.99 -36.99
CA LYS A 386 6.22 22.10 -37.83
C LYS A 386 6.99 20.78 -37.88
N ALA A 387 7.23 20.18 -36.70
CA ALA A 387 7.96 18.92 -36.67
C ALA A 387 7.21 17.83 -37.45
N LEU A 388 5.88 17.83 -37.38
CA LEU A 388 5.11 16.86 -38.13
C LEU A 388 5.26 17.06 -39.62
N LEU A 389 5.43 18.29 -40.07
CA LEU A 389 5.69 18.52 -41.49
C LEU A 389 7.14 18.24 -41.89
N GLU A 390 8.01 17.89 -40.93
CA GLU A 390 9.44 17.68 -41.19
C GLU A 390 10.06 18.92 -41.81
N ASP B 53 -9.17 -21.17 3.15
CA ASP B 53 -10.02 -22.24 3.73
C ASP B 53 -9.76 -22.29 5.24
N TRP B 54 -10.48 -23.16 5.96
CA TRP B 54 -10.40 -23.23 7.45
C TRP B 54 -9.11 -23.94 7.81
N GLY B 55 -8.73 -25.02 7.09
CA GLY B 55 -7.45 -25.68 7.24
C GLY B 55 -6.28 -24.73 7.14
N GLU B 56 -6.38 -23.73 6.27
CA GLU B 56 -5.29 -22.79 6.08
C GLU B 56 -5.20 -21.79 7.24
N VAL B 57 -6.34 -21.31 7.72
CA VAL B 57 -6.34 -20.44 8.90
C VAL B 57 -5.69 -21.17 10.07
N ALA B 58 -6.04 -22.44 10.23
CA ALA B 58 -5.47 -23.22 11.34
C ALA B 58 -3.97 -23.41 11.19
N GLU B 59 -3.51 -23.80 10.00
CA GLU B 59 -2.07 -23.97 9.80
C GLU B 59 -1.33 -22.66 10.03
N ASN B 60 -1.92 -21.53 9.63
CA ASN B 60 -1.28 -20.25 9.85
C ASN B 60 -1.13 -19.96 11.34
N LEU B 61 -2.21 -20.16 12.12
CA LEU B 61 -2.11 -19.94 13.56
C LEU B 61 -1.12 -20.89 14.20
N GLN B 62 -1.03 -22.12 13.69
CA GLN B 62 -0.03 -23.06 14.19
C GLN B 62 1.38 -22.51 13.99
N GLU B 63 1.68 -22.07 12.77
CA GLU B 63 3.01 -21.55 12.47
C GLU B 63 3.33 -20.32 13.31
N GLN B 64 2.36 -19.42 13.45
CA GLN B 64 2.60 -18.21 14.24
C GLN B 64 2.80 -18.54 15.71
N THR B 65 2.00 -19.46 16.27
CA THR B 65 2.17 -19.82 17.67
C THR B 65 3.54 -20.42 17.93
N TYR B 66 3.92 -21.40 17.12
CA TYR B 66 5.23 -22.02 17.27
C TYR B 66 6.35 -20.98 17.19
N ASN B 67 6.30 -20.11 16.18
CA ASN B 67 7.41 -19.19 16.00
C ASN B 67 7.46 -18.13 17.08
N ILE B 68 6.30 -17.62 17.51
CA ILE B 68 6.30 -16.52 18.47
C ILE B 68 6.69 -17.02 19.84
N TYR B 69 6.29 -18.24 20.21
CA TYR B 69 6.46 -18.66 21.61
C TYR B 69 7.57 -19.66 21.86
N LEU B 70 8.16 -20.26 20.85
CA LEU B 70 9.12 -21.32 21.09
C LEU B 70 10.31 -20.78 21.86
N THR B 71 10.82 -21.57 22.80
CA THR B 71 12.01 -21.17 23.54
C THR B 71 12.94 -22.36 23.59
N SER B 72 13.85 -22.34 24.58
CA SER B 72 14.80 -23.42 24.79
C SER B 72 14.09 -24.72 25.17
N ASN B 73 14.78 -25.82 24.92
CA ASN B 73 14.34 -27.16 25.28
C ASN B 73 13.09 -27.59 24.53
N GLY B 74 12.67 -26.85 23.52
CA GLY B 74 11.48 -27.23 22.82
C GLY B 74 10.18 -26.92 23.53
N THR B 75 10.24 -26.11 24.59
CA THR B 75 9.05 -25.69 25.31
C THR B 75 8.63 -24.29 24.85
N PHE B 76 7.59 -23.75 25.49
CA PHE B 76 6.99 -22.51 25.01
C PHE B 76 6.78 -21.50 26.12
N ARG B 77 7.08 -20.25 25.80
CA ARG B 77 7.12 -19.13 26.74
C ARG B 77 5.72 -18.80 27.23
N GLN B 78 5.68 -18.06 28.34
CA GLN B 78 4.41 -17.74 28.97
C GLN B 78 3.61 -16.71 28.17
N ASP B 79 4.28 -15.78 27.48
CA ASP B 79 3.55 -14.80 26.70
C ASP B 79 4.41 -14.33 25.52
N ASN B 80 3.82 -13.43 24.73
CA ASN B 80 4.47 -12.83 23.57
C ASN B 80 5.29 -11.58 23.89
N GLU B 81 5.56 -11.30 25.16
CA GLU B 81 6.38 -10.15 25.53
C GLU B 81 7.67 -10.59 26.20
N GLY B 82 8.14 -11.80 25.95
CA GLY B 82 9.40 -12.27 26.47
C GLY B 82 9.36 -12.90 27.85
N ASN B 83 8.18 -13.04 28.45
CA ASN B 83 8.09 -13.69 29.76
C ASN B 83 8.44 -15.16 29.60
N GLU B 84 9.53 -15.58 30.23
CA GLU B 84 10.08 -16.93 30.05
C GLU B 84 9.65 -17.91 31.14
N ASN B 85 8.60 -17.60 31.91
CA ASN B 85 8.09 -18.56 32.88
C ASN B 85 7.58 -19.80 32.16
N PHE B 86 7.88 -20.97 32.74
CA PHE B 86 7.39 -22.25 32.22
C PHE B 86 6.07 -22.62 32.92
N ASN B 87 5.02 -22.85 32.14
CA ASN B 87 3.74 -23.32 32.66
C ASN B 87 3.49 -24.73 32.14
N TYR B 88 3.57 -25.71 33.05
CA TYR B 88 3.46 -27.13 32.71
C TYR B 88 2.22 -27.44 31.89
N TRP B 89 1.04 -27.14 32.43
CA TRP B 89 -0.17 -27.58 31.73
C TRP B 89 -0.47 -26.76 30.48
N TRP B 90 -0.03 -25.52 30.40
CA TRP B 90 -0.11 -24.80 29.12
C TRP B 90 0.71 -25.51 28.06
N ASN B 91 1.94 -25.94 28.40
CA ASN B 91 2.76 -26.68 27.46
C ASN B 91 2.17 -28.05 27.13
N ALA B 92 1.48 -28.67 28.09
CA ALA B 92 0.75 -29.90 27.78
C ALA B 92 -0.27 -29.65 26.67
N HIS B 93 -1.02 -28.56 26.79
CA HIS B 93 -2.01 -28.26 25.75
C HIS B 93 -1.36 -27.79 24.46
N MET B 94 -0.13 -27.25 24.51
CA MET B 94 0.58 -27.02 23.24
C MET B 94 0.89 -28.36 22.55
N LEU B 95 1.20 -29.39 23.34
CA LEU B 95 1.35 -30.72 22.74
C LEU B 95 0.04 -31.18 22.09
N ASP B 96 -1.09 -30.92 22.77
CA ASP B 96 -2.39 -31.24 22.17
C ASP B 96 -2.56 -30.55 20.82
N VAL B 97 -2.26 -29.25 20.76
CA VAL B 97 -2.41 -28.48 19.52
C VAL B 97 -1.50 -29.02 18.42
N LEU B 98 -0.26 -29.37 18.78
CA LEU B 98 0.63 -29.93 17.77
C LEU B 98 0.05 -31.22 17.21
N ILE B 99 -0.54 -32.06 18.08
CA ILE B 99 -1.18 -33.28 17.61
C ILE B 99 -2.36 -32.96 16.68
N ASP B 100 -3.11 -31.91 16.99
CA ASP B 100 -4.18 -31.47 16.08
C ASP B 100 -3.62 -31.25 14.69
N GLY B 101 -2.48 -30.55 14.63
CA GLY B 101 -1.86 -30.26 13.35
C GLY B 101 -1.36 -31.51 12.65
N TYR B 102 -0.71 -32.41 13.39
CA TYR B 102 -0.21 -33.63 12.79
C TYR B 102 -1.34 -34.51 12.27
N GLU B 103 -2.53 -34.41 12.88
CA GLU B 103 -3.68 -35.16 12.40
C GLU B 103 -4.24 -34.53 11.12
N ARG B 104 -4.39 -33.21 11.12
CA ARG B 104 -4.98 -32.55 9.97
C ARG B 104 -4.09 -32.71 8.74
N THR B 105 -2.77 -32.66 8.91
CA THR B 105 -1.87 -32.61 7.76
C THR B 105 -1.12 -33.89 7.48
N GLY B 106 -0.94 -34.78 8.45
CA GLY B 106 -0.03 -35.89 8.25
C GLY B 106 1.40 -35.46 8.02
N ASP B 107 1.71 -34.19 8.29
CA ASP B 107 3.03 -33.64 8.02
C ASP B 107 4.00 -34.04 9.12
N GLU B 108 5.02 -34.82 8.74
CA GLU B 108 5.93 -35.34 9.74
C GLU B 108 6.78 -34.27 10.43
N SER B 109 6.85 -33.06 9.88
CA SER B 109 7.57 -32.01 10.61
C SER B 109 7.04 -31.84 12.04
N TYR B 110 5.78 -32.22 12.29
CA TYR B 110 5.22 -32.06 13.64
C TYR B 110 5.87 -33.02 14.63
N LEU B 111 6.34 -34.16 14.16
CA LEU B 111 6.82 -35.20 15.07
C LEU B 111 7.99 -34.76 15.92
N PRO B 112 9.07 -34.19 15.37
CA PRO B 112 10.18 -33.75 16.24
C PRO B 112 9.75 -32.70 17.24
N LYS B 113 8.92 -31.74 16.81
CA LYS B 113 8.41 -30.75 17.75
C LYS B 113 7.75 -31.43 18.96
N MET B 114 6.78 -32.29 18.71
CA MET B 114 6.05 -32.96 19.80
C MET B 114 7.08 -33.60 20.74
N LYS B 115 8.02 -34.36 20.20
CA LYS B 115 9.05 -35.10 20.96
C LYS B 115 9.90 -34.15 21.80
N SER B 116 10.30 -33.01 21.24
CA SER B 116 11.13 -31.99 21.91
C SER B 116 10.31 -31.43 23.05
N LEU B 117 9.04 -31.13 22.84
CA LEU B 117 8.19 -30.60 23.90
C LEU B 117 8.06 -31.63 25.01
N LEU B 118 7.80 -32.90 24.65
CA LEU B 118 7.64 -33.90 25.69
C LEU B 118 8.89 -33.95 26.58
N GLU B 119 10.06 -33.87 25.96
CA GLU B 119 11.27 -33.98 26.74
C GLU B 119 11.52 -32.68 27.50
N GLY B 120 11.20 -31.55 26.87
CA GLY B 120 11.44 -30.27 27.50
C GLY B 120 10.59 -30.08 28.74
N ILE B 121 9.33 -30.56 28.67
CA ILE B 121 8.48 -30.49 29.84
C ILE B 121 9.16 -31.17 31.01
N GLU B 122 9.79 -32.33 30.78
CA GLU B 122 10.44 -33.03 31.89
C GLU B 122 11.58 -32.19 32.45
N VAL B 123 12.31 -31.50 31.57
CA VAL B 123 13.47 -30.73 32.01
C VAL B 123 13.04 -29.54 32.85
N ARG B 124 12.12 -28.73 32.32
CA ARG B 124 11.73 -27.50 33.01
C ARG B 124 10.89 -27.75 34.26
N ASN B 125 10.29 -28.92 34.41
CA ASN B 125 9.55 -29.26 35.62
C ASN B 125 10.45 -29.80 36.74
N GLY B 126 11.77 -29.79 36.54
CA GLY B 126 12.69 -30.30 37.53
C GLY B 126 13.26 -31.67 37.22
N ASN B 127 13.33 -32.06 35.95
CA ASN B 127 13.71 -33.41 35.53
C ASN B 127 12.80 -34.47 36.15
N LYS B 128 11.49 -34.21 36.07
CA LYS B 128 10.47 -35.15 36.50
C LYS B 128 9.18 -34.71 35.84
N TYR B 129 8.24 -35.65 35.74
CA TYR B 129 6.91 -35.36 35.25
C TYR B 129 5.91 -35.14 36.38
N GLU B 130 6.20 -35.61 37.59
CA GLU B 130 5.28 -35.40 38.69
C GLU B 130 5.09 -33.91 38.97
N ASN B 131 3.85 -33.54 39.31
CA ASN B 131 3.47 -32.16 39.63
C ASN B 131 2.46 -32.20 40.77
N VAL B 132 2.53 -31.21 41.65
CA VAL B 132 1.60 -31.18 42.79
C VAL B 132 0.17 -31.01 42.32
N PHE B 133 -0.02 -30.36 41.17
CA PHE B 133 -1.34 -30.22 40.56
C PHE B 133 -1.65 -31.48 39.78
N ILE B 134 -2.61 -32.26 40.29
CA ILE B 134 -2.95 -33.53 39.66
C ILE B 134 -3.54 -33.30 38.27
N ASP B 135 -4.33 -32.24 38.11
CA ASP B 135 -4.89 -31.95 36.79
C ASP B 135 -3.76 -31.78 35.77
N ASP B 136 -2.65 -31.17 36.16
CA ASP B 136 -1.54 -30.96 35.21
C ASP B 136 -1.07 -32.30 34.64
N MET B 137 -0.88 -33.29 35.52
CA MET B 137 -0.47 -34.61 35.07
C MET B 137 -1.55 -35.25 34.19
N GLU B 138 -2.81 -35.03 34.53
CA GLU B 138 -3.89 -35.61 33.73
C GLU B 138 -3.88 -35.04 32.31
N TRP B 139 -3.69 -33.73 32.19
CA TRP B 139 -3.69 -33.13 30.87
C TRP B 139 -2.54 -33.65 30.03
N LEU B 140 -1.34 -33.69 30.60
CA LEU B 140 -0.23 -34.27 29.85
C LEU B 140 -0.50 -35.74 29.50
N GLY B 141 -1.12 -36.49 30.42
CA GLY B 141 -1.40 -37.89 30.13
C GLY B 141 -2.32 -38.06 28.93
N ILE B 142 -3.37 -37.25 28.88
CA ILE B 142 -4.28 -37.28 27.73
C ILE B 142 -3.51 -37.01 26.44
N ALA B 143 -2.66 -35.97 26.44
CA ALA B 143 -1.93 -35.64 25.21
C ALA B 143 -0.99 -36.78 24.81
N CYS B 144 -0.33 -37.40 25.78
CA CYS B 144 0.59 -38.49 25.47
C CYS B 144 -0.16 -39.66 24.85
N LEU B 145 -1.33 -39.99 25.37
CA LEU B 145 -2.09 -41.09 24.78
C LEU B 145 -2.60 -40.76 23.39
N ARG B 146 -3.07 -39.52 23.19
CA ARG B 146 -3.46 -39.10 21.85
C ARG B 146 -2.32 -39.29 20.87
N THR B 147 -1.11 -38.96 21.30
CA THR B 147 0.06 -39.12 20.44
C THR B 147 0.37 -40.59 20.19
N TYR B 148 0.36 -41.41 21.25
CA TYR B 148 0.69 -42.82 21.10
C TYR B 148 -0.29 -43.55 20.21
N LYS B 149 -1.55 -43.17 20.26
CA LYS B 149 -2.53 -43.80 19.38
C LYS B 149 -2.17 -43.56 17.91
N LEU B 150 -1.52 -42.43 17.61
CA LEU B 150 -1.19 -42.09 16.23
C LEU B 150 0.15 -42.67 15.80
N THR B 151 1.12 -42.63 16.69
CA THR B 151 2.50 -42.93 16.33
C THR B 151 2.95 -44.31 16.73
N ASN B 152 2.33 -44.93 17.75
CA ASN B 152 2.81 -46.17 18.38
C ASN B 152 4.23 -45.90 18.92
N ASP B 153 4.56 -44.67 19.27
CA ASP B 153 5.89 -44.35 19.83
C ASP B 153 5.79 -44.68 21.31
N GLN B 154 6.49 -45.68 21.81
CA GLN B 154 6.37 -46.16 23.19
C GLN B 154 6.77 -45.12 24.23
N GLN B 155 7.56 -44.10 23.91
CA GLN B 155 7.96 -43.13 24.92
C GLN B 155 6.75 -42.39 25.49
N TYR B 156 5.80 -42.07 24.62
CA TYR B 156 4.59 -41.38 25.08
C TYR B 156 3.77 -42.29 25.96
N LYS B 157 3.71 -43.59 25.63
CA LYS B 157 2.98 -44.55 26.47
C LYS B 157 3.64 -44.69 27.84
N GLU B 158 4.98 -44.73 27.88
CA GLU B 158 5.68 -44.78 29.16
C GLU B 158 5.27 -43.61 30.05
N VAL B 159 5.35 -42.41 29.50
CA VAL B 159 5.00 -41.23 30.28
C VAL B 159 3.53 -41.32 30.73
N ALA B 160 2.65 -41.70 29.80
CA ALA B 160 1.23 -41.78 30.14
C ALA B 160 0.97 -42.79 31.26
N ASP B 161 1.63 -43.94 31.21
CA ASP B 161 1.44 -44.96 32.24
C ASP B 161 1.84 -44.40 33.61
N LEU B 162 2.96 -43.68 33.67
CA LEU B 162 3.37 -43.04 34.93
C LEU B 162 2.31 -42.06 35.42
N LEU B 163 1.86 -41.16 34.54
CA LEU B 163 0.90 -40.14 34.92
C LEU B 163 -0.44 -40.75 35.35
N TRP B 164 -0.80 -41.90 34.79
CA TRP B 164 -2.02 -42.60 35.20
C TRP B 164 -1.87 -43.15 36.61
N GLU B 165 -0.75 -43.76 36.93
CA GLU B 165 -0.54 -44.17 38.33
C GLU B 165 -0.63 -42.97 39.28
N GLU B 166 -0.08 -41.82 38.90
CA GLU B 166 -0.18 -40.65 39.78
C GLU B 166 -1.64 -40.22 39.95
N THR B 167 -2.36 -40.12 38.84
CA THR B 167 -3.77 -39.76 38.89
C THR B 167 -4.53 -40.67 39.83
N LYS B 168 -4.33 -41.99 39.71
CA LYS B 168 -5.07 -42.92 40.55
C LYS B 168 -4.74 -42.72 42.03
N GLN B 169 -3.48 -42.42 42.35
CA GLN B 169 -3.17 -42.16 43.75
C GLN B 169 -3.99 -41.00 44.28
N GLY B 170 -4.41 -40.10 43.39
CA GLY B 170 -5.22 -38.99 43.87
C GLY B 170 -6.65 -39.34 44.27
N TRP B 171 -7.14 -40.51 43.89
CA TRP B 171 -8.51 -40.88 44.23
C TRP B 171 -8.60 -41.24 45.70
N SER B 172 -9.72 -40.90 46.32
CA SER B 172 -10.03 -41.41 47.65
C SER B 172 -11.53 -41.60 47.81
N ASP B 173 -11.93 -42.74 48.38
CA ASP B 173 -13.34 -43.02 48.61
C ASP B 173 -13.93 -42.19 49.75
N VAL B 174 -13.10 -41.62 50.61
CA VAL B 174 -13.61 -40.89 51.76
C VAL B 174 -14.47 -39.73 51.29
N HIS B 175 -15.61 -39.55 51.96
CA HIS B 175 -16.63 -38.56 51.61
C HIS B 175 -17.42 -38.89 50.34
N GLY B 176 -17.01 -39.92 49.60
CA GLY B 176 -17.84 -40.37 48.50
C GLY B 176 -17.08 -40.71 47.24
N GLY B 177 -15.88 -40.21 47.11
CA GLY B 177 -15.06 -40.47 45.94
C GLY B 177 -14.39 -39.19 45.50
N GLY B 178 -13.85 -39.24 44.28
CA GLY B 178 -13.30 -38.05 43.66
C GLY B 178 -11.79 -37.99 43.74
N ILE B 179 -11.17 -37.46 42.70
CA ILE B 179 -9.73 -37.22 42.68
C ILE B 179 -9.43 -35.85 43.29
N ALA B 180 -8.48 -35.82 44.20
CA ALA B 180 -8.03 -34.57 44.81
C ALA B 180 -7.46 -33.60 43.78
N TRP B 181 -7.58 -32.31 44.10
CA TRP B 181 -7.06 -31.24 43.24
C TRP B 181 -5.53 -31.24 43.22
N LYS B 182 -4.91 -31.45 44.37
CA LYS B 182 -3.47 -31.47 44.50
C LYS B 182 -3.04 -32.65 45.35
N THR B 183 -1.76 -33.04 45.19
CA THR B 183 -1.24 -34.14 46.00
C THR B 183 -1.15 -33.77 47.47
N ASP B 184 -1.28 -32.48 47.82
CA ASP B 184 -1.30 -32.08 49.22
C ASP B 184 -2.65 -31.49 49.65
N THR B 185 -3.73 -31.73 48.90
CA THR B 185 -5.07 -31.26 49.28
C THR B 185 -6.07 -32.40 49.20
N PRO B 186 -5.99 -33.36 50.13
CA PRO B 186 -6.95 -34.49 50.08
C PRO B 186 -8.41 -34.05 50.15
N ASN B 187 -8.72 -32.91 50.77
CA ASN B 187 -10.11 -32.58 51.04
C ASN B 187 -10.68 -31.52 50.10
N SER B 188 -9.97 -31.22 49.02
CA SER B 188 -10.45 -30.36 47.94
C SER B 188 -10.46 -31.22 46.69
N LYS B 189 -11.62 -31.33 46.06
CA LYS B 189 -11.77 -32.14 44.84
C LYS B 189 -12.40 -31.26 43.78
N ASN B 190 -11.81 -31.26 42.59
CA ASN B 190 -12.10 -30.25 41.59
C ASN B 190 -12.57 -30.89 40.30
N ALA B 191 -13.45 -30.19 39.59
CA ALA B 191 -13.87 -30.68 38.28
C ALA B 191 -12.65 -30.92 37.38
N CYS B 192 -11.68 -30.00 37.43
CA CYS B 192 -10.53 -30.09 36.52
C CYS B 192 -9.55 -31.19 36.88
N SER B 193 -9.68 -31.81 38.04
CA SER B 193 -8.91 -33.01 38.36
C SER B 193 -9.72 -34.30 38.24
N ASN B 194 -10.98 -34.22 37.82
CA ASN B 194 -11.78 -35.41 37.62
C ASN B 194 -12.25 -35.60 36.20
N GLY B 195 -12.77 -34.55 35.54
CA GLY B 195 -13.16 -34.67 34.14
C GLY B 195 -12.02 -35.21 33.28
N PRO B 196 -10.85 -34.57 33.38
CA PRO B 196 -9.72 -35.05 32.60
C PRO B 196 -9.30 -36.45 32.96
N ALA B 197 -9.41 -36.83 34.24
CA ALA B 197 -9.06 -38.18 34.62
C ALA B 197 -9.98 -39.20 33.95
N ALA B 198 -11.26 -38.86 33.82
CA ALA B 198 -12.18 -39.79 33.16
C ALA B 198 -11.84 -39.92 31.68
N ILE B 199 -11.53 -38.80 31.02
CA ILE B 199 -11.09 -38.86 29.63
C ILE B 199 -9.81 -39.70 29.50
N PHE B 200 -8.83 -39.45 30.36
CA PHE B 200 -7.58 -40.23 30.44
C PHE B 200 -7.86 -41.72 30.52
N ALA B 201 -8.74 -42.10 31.45
CA ALA B 201 -9.06 -43.51 31.65
C ALA B 201 -9.71 -44.11 30.41
N LEU B 202 -10.55 -43.35 29.73
CA LEU B 202 -11.24 -43.86 28.55
C LEU B 202 -10.27 -44.05 27.39
N TYR B 203 -9.35 -43.11 27.21
CA TYR B 203 -8.31 -43.30 26.20
C TYR B 203 -7.45 -44.53 26.51
N LEU B 204 -7.08 -44.69 27.78
CA LEU B 204 -6.30 -45.86 28.18
C LEU B 204 -7.07 -47.15 27.95
N TYR B 205 -8.37 -47.14 28.23
CA TYR B 205 -9.20 -48.32 27.97
C TYR B 205 -9.23 -48.67 26.48
N GLU B 206 -9.48 -47.66 25.64
CA GLU B 206 -9.45 -47.86 24.19
C GLU B 206 -8.14 -48.48 23.74
N ILE B 207 -7.01 -48.06 24.34
CA ILE B 207 -5.70 -48.51 23.87
C ILE B 207 -5.30 -49.87 24.44
N ASP B 208 -5.37 -50.05 25.77
CA ASP B 208 -4.87 -51.24 26.43
C ASP B 208 -5.96 -52.27 26.72
N GLN B 209 -7.23 -51.87 26.67
CA GLN B 209 -8.36 -52.80 26.84
C GLN B 209 -8.34 -53.48 28.21
N ASP B 210 -7.79 -52.81 29.22
CA ASP B 210 -7.90 -53.28 30.60
C ASP B 210 -9.24 -52.85 31.16
N GLU B 211 -10.08 -53.83 31.50
CA GLU B 211 -11.44 -53.51 31.96
C GLU B 211 -11.43 -52.66 33.22
N GLU B 212 -10.37 -52.77 34.01
CA GLU B 212 -10.23 -51.92 35.18
C GLU B 212 -10.26 -50.44 34.82
N ASP B 213 -9.74 -50.08 33.64
CA ASP B 213 -9.68 -48.68 33.25
C ASP B 213 -11.05 -48.13 32.89
N LEU B 214 -11.90 -48.93 32.24
CA LEU B 214 -13.29 -48.54 32.07
C LEU B 214 -13.99 -48.41 33.41
N GLU B 215 -13.70 -49.31 34.35
CA GLU B 215 -14.34 -49.18 35.67
C GLU B 215 -13.92 -47.87 36.33
N TRP B 216 -12.65 -47.48 36.18
CA TRP B 216 -12.19 -46.19 36.67
C TRP B 216 -12.95 -45.05 36.01
N ALA B 217 -13.05 -45.09 34.68
CA ALA B 217 -13.74 -44.01 33.98
C ALA B 217 -15.17 -43.86 34.49
N LYS B 218 -15.87 -44.98 34.69
CA LYS B 218 -17.26 -44.91 35.14
C LYS B 218 -17.34 -44.35 36.55
N LYS B 219 -16.47 -44.83 37.44
CA LYS B 219 -16.45 -44.37 38.83
C LYS B 219 -16.23 -42.86 38.90
N ILE B 220 -15.26 -42.37 38.12
CA ILE B 220 -14.94 -40.96 38.14
C ILE B 220 -16.11 -40.16 37.61
N TYR B 221 -16.63 -40.55 36.44
CA TYR B 221 -17.73 -39.80 35.84
C TYR B 221 -18.96 -39.79 36.75
N HIS B 222 -19.31 -40.93 37.33
CA HIS B 222 -20.48 -41.00 38.21
C HIS B 222 -20.30 -40.09 39.40
N TRP B 223 -19.10 -40.07 40.00
CA TRP B 223 -18.84 -39.12 41.08
C TRP B 223 -19.01 -37.69 40.58
N LEU B 224 -18.40 -37.35 39.44
CA LEU B 224 -18.47 -35.99 38.92
C LEU B 224 -19.91 -35.57 38.67
N LYS B 225 -20.68 -36.43 38.00
CA LYS B 225 -22.07 -36.13 37.69
C LYS B 225 -22.89 -35.93 38.95
N ASP B 226 -22.70 -36.78 39.95
CA ASP B 226 -23.53 -36.70 41.12
C ASP B 226 -23.05 -35.65 42.13
N THR B 227 -21.87 -35.07 41.93
CA THR B 227 -21.34 -34.12 42.90
C THR B 227 -21.19 -32.72 42.35
N LEU B 228 -20.63 -32.55 41.16
CA LEU B 228 -20.26 -31.23 40.68
C LEU B 228 -21.05 -30.77 39.46
N VAL B 229 -21.83 -31.63 38.84
CA VAL B 229 -22.64 -31.21 37.71
C VAL B 229 -23.96 -30.62 38.23
N ASP B 230 -24.29 -29.45 37.76
CA ASP B 230 -25.55 -28.81 38.09
C ASP B 230 -26.65 -29.60 37.39
N PRO B 231 -27.51 -30.32 38.12
CA PRO B 231 -28.49 -31.18 37.42
C PRO B 231 -29.52 -30.40 36.63
N GLU B 232 -29.65 -29.10 36.85
CA GLU B 232 -30.64 -28.30 36.14
C GLU B 232 -30.12 -27.76 34.82
N SER B 233 -28.82 -27.53 34.70
CA SER B 233 -28.25 -26.94 33.50
C SER B 233 -27.28 -27.83 32.77
N GLY B 234 -26.66 -28.80 33.44
CA GLY B 234 -25.56 -29.51 32.86
C GLY B 234 -24.24 -28.74 32.84
N LEU B 235 -24.22 -27.51 33.37
CA LEU B 235 -22.96 -26.85 33.63
C LEU B 235 -22.30 -27.47 34.86
N VAL B 236 -21.02 -27.16 35.07
CA VAL B 236 -20.22 -27.89 36.02
C VAL B 236 -19.56 -26.91 36.99
N TRP B 237 -19.76 -27.18 38.27
CA TRP B 237 -19.18 -26.39 39.33
C TRP B 237 -17.72 -26.76 39.55
N ASP B 238 -16.93 -25.80 40.03
CA ASP B 238 -15.49 -25.98 39.94
C ASP B 238 -14.96 -26.90 41.03
N ASN B 239 -15.50 -26.85 42.24
CA ASN B 239 -14.92 -27.69 43.27
C ASN B 239 -15.86 -27.93 44.43
N ILE B 240 -15.48 -28.92 45.24
CA ILE B 240 -16.13 -29.26 46.49
C ILE B 240 -15.05 -29.33 47.56
N ASP B 241 -15.33 -28.74 48.72
CA ASP B 241 -14.38 -28.60 49.80
C ASP B 241 -14.96 -29.24 51.06
N TYR B 242 -14.23 -30.15 51.67
CA TYR B 242 -14.69 -30.87 52.84
C TYR B 242 -13.93 -30.40 54.07
N HIS B 243 -14.68 -30.05 55.13
CA HIS B 243 -14.06 -29.73 56.41
C HIS B 243 -15.09 -29.87 57.52
N ASP B 244 -14.66 -30.48 58.63
CA ASP B 244 -15.45 -30.56 59.87
C ASP B 244 -16.86 -31.10 59.63
N GLY B 245 -16.96 -32.21 58.92
CA GLY B 245 -18.27 -32.78 58.68
C GLY B 245 -19.16 -31.94 57.77
N GLU B 246 -18.62 -30.90 57.14
CA GLU B 246 -19.31 -30.08 56.16
C GLU B 246 -18.68 -30.27 54.79
N ALA B 247 -19.48 -30.10 53.75
CA ALA B 247 -19.00 -30.08 52.38
C ALA B 247 -19.65 -28.89 51.67
N ILE B 248 -18.82 -28.06 51.05
CA ILE B 248 -19.25 -26.81 50.42
C ILE B 248 -18.89 -26.85 48.96
N ILE B 249 -19.85 -26.58 48.09
CA ILE B 249 -19.65 -26.37 46.67
C ILE B 249 -19.93 -24.91 46.34
N ASN B 250 -18.98 -24.22 45.74
CA ASN B 250 -19.27 -22.91 45.18
C ASN B 250 -19.98 -23.09 43.83
N ARG B 251 -21.28 -22.81 43.81
CA ARG B 251 -22.10 -23.03 42.63
C ARG B 251 -21.99 -21.90 41.61
N ASP B 252 -21.18 -20.88 41.87
CA ASP B 252 -21.01 -19.80 40.91
C ASP B 252 -19.65 -19.82 40.24
N TRP B 253 -18.77 -20.76 40.59
CA TRP B 253 -17.50 -20.91 39.88
C TRP B 253 -17.70 -21.83 38.69
N ILE B 254 -18.20 -21.26 37.59
CA ILE B 254 -18.55 -22.04 36.40
C ILE B 254 -17.63 -21.61 35.26
N PHE B 255 -16.76 -22.52 34.84
CA PHE B 255 -15.76 -22.27 33.82
C PHE B 255 -16.00 -23.16 32.60
N THR B 256 -15.71 -22.61 31.42
CA THR B 256 -16.00 -23.32 30.18
C THR B 256 -15.35 -24.70 30.14
N TYR B 257 -14.10 -24.81 30.60
CA TYR B 257 -13.36 -26.05 30.36
C TYR B 257 -13.84 -27.19 31.24
N ASN B 258 -14.53 -26.90 32.34
CA ASN B 258 -15.06 -27.98 33.17
C ASN B 258 -16.27 -28.65 32.54
N VAL B 259 -17.25 -27.88 32.05
CA VAL B 259 -18.30 -28.48 31.26
C VAL B 259 -17.70 -29.10 30.01
N GLY B 260 -16.61 -28.54 29.50
CA GLY B 260 -15.91 -29.13 28.37
C GLY B 260 -15.48 -30.57 28.63
N THR B 261 -14.80 -30.80 29.76
CA THR B 261 -14.30 -32.15 30.01
C THR B 261 -15.41 -33.09 30.44
N TYR B 262 -16.46 -32.56 31.07
CA TYR B 262 -17.64 -33.38 31.34
C TYR B 262 -18.27 -33.87 30.03
N ILE B 263 -18.46 -32.96 29.08
CA ILE B 263 -18.97 -33.34 27.76
C ILE B 263 -18.06 -34.35 27.11
N GLY B 264 -16.75 -34.14 27.18
CA GLY B 264 -15.81 -35.06 26.57
C GLY B 264 -15.88 -36.45 27.16
N ALA B 265 -15.92 -36.52 28.48
CA ALA B 265 -16.04 -37.80 29.17
C ALA B 265 -17.34 -38.50 28.82
N ALA B 266 -18.44 -37.75 28.80
CA ALA B 266 -19.72 -38.35 28.48
C ALA B 266 -19.74 -38.90 27.06
N ASN B 267 -19.20 -38.14 26.10
CA ASN B 267 -19.10 -38.60 24.73
C ASN B 267 -18.29 -39.90 24.63
N LEU B 268 -17.14 -39.94 25.30
CA LEU B 268 -16.32 -41.15 25.24
C LEU B 268 -17.01 -42.31 25.92
N LEU B 269 -17.73 -42.06 27.03
CA LEU B 269 -18.41 -43.15 27.72
C LEU B 269 -19.54 -43.70 26.87
N HIS B 270 -20.24 -42.81 26.16
CA HIS B 270 -21.25 -43.27 25.23
C HIS B 270 -20.67 -44.18 24.17
N GLN B 271 -19.48 -43.84 23.67
CA GLN B 271 -18.87 -44.66 22.63
C GLN B 271 -18.27 -45.95 23.18
N ALA B 272 -17.82 -45.97 24.43
CA ALA B 272 -17.25 -47.18 24.99
C ALA B 272 -18.31 -48.16 25.49
N THR B 273 -19.51 -47.67 25.81
CA THR B 273 -20.53 -48.49 26.44
C THR B 273 -21.83 -48.59 25.66
N GLY B 274 -22.10 -47.67 24.73
CA GLY B 274 -23.36 -47.63 24.02
C GLY B 274 -24.55 -47.10 24.80
N GLU B 275 -24.38 -46.75 26.07
CA GLU B 275 -25.53 -46.43 26.93
C GLU B 275 -26.00 -45.01 26.69
N GLY B 276 -27.28 -44.88 26.30
CA GLY B 276 -27.86 -43.60 25.88
C GLY B 276 -27.80 -42.49 26.91
N MET B 277 -27.80 -42.83 28.20
CA MET B 277 -27.82 -41.79 29.22
C MET B 277 -26.58 -40.89 29.11
N TYR B 278 -25.45 -41.44 28.66
CA TYR B 278 -24.25 -40.62 28.51
C TYR B 278 -24.40 -39.62 27.38
N LEU B 279 -25.00 -40.03 26.27
CA LEU B 279 -25.24 -39.10 25.18
C LEU B 279 -26.23 -38.03 25.60
N ASP B 280 -27.28 -38.41 26.34
CA ASP B 280 -28.23 -37.42 26.86
C ASP B 280 -27.53 -36.41 27.78
N ASP B 281 -26.65 -36.89 28.67
CA ASP B 281 -25.88 -36.00 29.52
C ASP B 281 -25.11 -34.97 28.68
N ALA B 282 -24.32 -35.48 27.72
CA ALA B 282 -23.53 -34.61 26.88
C ALA B 282 -24.39 -33.59 26.17
N ILE B 283 -25.52 -34.02 25.61
CA ILE B 283 -26.37 -33.11 24.84
C ILE B 283 -26.93 -32.01 25.72
N LYS B 284 -27.34 -32.36 26.95
CA LYS B 284 -27.89 -31.32 27.83
C LYS B 284 -26.84 -30.25 28.11
N SER B 285 -25.63 -30.68 28.47
CA SER B 285 -24.57 -29.71 28.77
C SER B 285 -24.22 -28.85 27.55
N ALA B 286 -24.06 -29.50 26.39
CA ALA B 286 -23.69 -28.78 25.18
C ALA B 286 -24.78 -27.79 24.78
N SER B 287 -26.04 -28.17 24.96
CA SER B 287 -27.14 -27.28 24.63
C SER B 287 -27.15 -26.07 25.55
N SER B 288 -26.81 -26.27 26.83
CA SER B 288 -26.73 -25.12 27.74
C SER B 288 -25.58 -24.20 27.34
N VAL B 289 -24.50 -24.77 26.79
CA VAL B 289 -23.41 -23.94 26.28
C VAL B 289 -23.89 -23.12 25.09
N VAL B 290 -24.68 -23.72 24.18
CA VAL B 290 -25.11 -23.01 22.98
C VAL B 290 -26.15 -21.94 23.31
N ALA B 291 -27.13 -22.28 24.14
CA ALA B 291 -28.22 -21.36 24.41
C ALA B 291 -27.71 -20.13 25.17
N PRO B 292 -28.36 -18.98 24.98
CA PRO B 292 -27.99 -17.80 25.78
C PRO B 292 -27.84 -18.17 27.25
N GLY B 293 -26.81 -17.59 27.89
CA GLY B 293 -26.61 -17.87 29.29
C GLY B 293 -25.20 -17.51 29.73
N GLU B 294 -24.78 -18.16 30.81
CA GLU B 294 -23.66 -17.68 31.59
C GLU B 294 -22.34 -17.76 30.84
N LEU B 295 -22.18 -18.72 29.93
CA LEU B 295 -20.90 -18.96 29.30
C LEU B 295 -20.74 -18.27 27.96
N THR B 296 -21.74 -17.52 27.51
CA THR B 296 -21.61 -16.80 26.25
C THR B 296 -22.06 -15.35 26.41
N THR B 297 -21.54 -14.53 25.50
CA THR B 297 -21.93 -13.14 25.36
C THR B 297 -22.25 -12.93 23.89
N GLY B 298 -23.53 -12.83 23.57
CA GLY B 298 -23.94 -12.62 22.19
C GLY B 298 -23.53 -13.75 21.26
N GLY B 299 -23.79 -14.99 21.67
CA GLY B 299 -23.50 -16.14 20.85
C GLY B 299 -22.04 -16.57 20.84
N VAL B 300 -21.16 -15.81 21.50
CA VAL B 300 -19.74 -16.10 21.50
C VAL B 300 -19.32 -16.52 22.90
N LEU B 301 -18.49 -17.57 22.97
CA LEU B 301 -17.97 -18.02 24.27
C LEU B 301 -17.28 -16.85 24.96
N LYS B 302 -17.53 -16.72 26.25
CA LYS B 302 -17.20 -15.51 26.98
C LYS B 302 -15.71 -15.35 27.21
N ASN B 303 -15.34 -14.09 27.46
CA ASN B 303 -14.03 -13.71 27.97
C ASN B 303 -13.84 -14.23 29.40
N GLU B 304 -12.85 -15.08 29.60
CA GLU B 304 -12.54 -15.60 30.93
C GLU B 304 -11.16 -15.16 31.40
N GLY B 305 -10.64 -14.08 30.79
CA GLY B 305 -9.35 -13.54 31.14
C GLY B 305 -8.23 -14.31 30.49
N GLN B 306 -7.01 -13.93 30.89
CA GLN B 306 -5.81 -14.62 30.47
C GLN B 306 -5.30 -15.48 31.64
N GLY B 307 -4.00 -15.72 31.71
CA GLY B 307 -3.50 -16.72 32.62
C GLY B 307 -4.20 -18.05 32.33
N ASP B 308 -4.45 -18.81 33.40
CA ASP B 308 -5.07 -20.13 33.22
C ASP B 308 -6.37 -20.03 32.44
N GLY B 309 -7.22 -19.07 32.78
CA GLY B 309 -8.51 -18.92 32.11
C GLY B 309 -8.40 -18.76 30.61
N GLY B 310 -7.25 -18.30 30.13
CA GLY B 310 -7.07 -18.14 28.70
C GLY B 310 -7.27 -19.44 27.95
N LEU B 311 -7.01 -20.56 28.62
CA LEU B 311 -7.10 -21.86 27.97
C LEU B 311 -8.48 -22.47 28.00
N PHE B 312 -9.38 -21.96 28.86
CA PHE B 312 -10.61 -22.68 29.15
C PHE B 312 -11.45 -22.87 27.89
N LYS B 313 -11.66 -21.79 27.14
CA LYS B 313 -12.49 -21.87 25.94
C LYS B 313 -11.99 -22.96 25.00
N GLY B 314 -10.68 -23.00 24.77
CA GLY B 314 -10.18 -23.94 23.79
C GLY B 314 -10.55 -25.36 24.19
N ILE B 315 -10.42 -25.66 25.47
CA ILE B 315 -10.71 -27.01 25.93
C ILE B 315 -12.16 -27.33 25.69
N LEU B 316 -13.05 -26.38 25.96
CA LEU B 316 -14.46 -26.62 25.71
C LEU B 316 -14.68 -26.93 24.24
N VAL B 317 -14.08 -26.11 23.37
CA VAL B 317 -14.36 -26.29 21.95
C VAL B 317 -13.85 -27.64 21.51
N ARG B 318 -12.76 -28.11 22.10
CA ARG B 318 -12.22 -29.39 21.66
C ARG B 318 -13.23 -30.50 21.87
N TYR B 319 -13.87 -30.53 23.04
CA TYR B 319 -14.74 -31.67 23.36
C TYR B 319 -16.15 -31.45 22.85
N PHE B 320 -16.61 -30.19 22.85
CA PHE B 320 -17.84 -29.83 22.14
C PHE B 320 -17.78 -30.38 20.72
N THR B 321 -16.67 -30.11 20.02
CA THR B 321 -16.54 -30.59 18.65
C THR B 321 -16.58 -32.11 18.59
N GLN B 322 -15.91 -32.79 19.52
CA GLN B 322 -15.95 -34.25 19.48
C GLN B 322 -17.37 -34.76 19.62
N LEU B 323 -18.20 -34.07 20.42
CA LEU B 323 -19.60 -34.49 20.54
C LEU B 323 -20.32 -34.33 19.20
N ALA B 324 -20.04 -33.23 18.51
CA ALA B 324 -20.65 -32.97 17.21
C ALA B 324 -20.32 -34.06 16.20
N LEU B 325 -19.21 -34.76 16.38
CA LEU B 325 -18.84 -35.85 15.48
C LEU B 325 -19.32 -37.22 15.95
N ASN B 326 -20.01 -37.30 17.08
CA ASN B 326 -20.57 -38.56 17.52
C ASN B 326 -21.60 -39.04 16.50
N PRO B 327 -21.46 -40.26 15.96
CA PRO B 327 -22.37 -40.67 14.87
C PRO B 327 -23.82 -40.85 15.29
N ASP B 328 -24.13 -40.99 16.57
CA ASP B 328 -25.51 -41.15 17.01
C ASP B 328 -26.11 -39.85 17.54
N LEU B 329 -25.41 -38.73 17.38
CA LEU B 329 -25.97 -37.45 17.74
C LEU B 329 -27.10 -37.09 16.77
N PRO B 330 -28.30 -36.74 17.26
CA PRO B 330 -29.39 -36.39 16.34
C PRO B 330 -29.03 -35.27 15.39
N ASP B 331 -29.73 -35.14 14.26
CA ASP B 331 -29.31 -34.25 13.19
C ASP B 331 -29.51 -32.78 13.55
N GLY B 332 -30.66 -32.45 14.15
CA GLY B 332 -30.87 -31.09 14.64
C GLY B 332 -29.75 -30.63 15.54
N LYS B 333 -29.37 -31.46 16.50
CA LYS B 333 -28.31 -31.08 17.43
C LYS B 333 -26.96 -31.00 16.73
N ARG B 334 -26.67 -31.94 15.83
CA ARG B 334 -25.40 -31.89 15.11
C ARG B 334 -25.25 -30.58 14.35
N ASN B 335 -26.32 -30.18 13.65
CA ASN B 335 -26.25 -28.95 12.85
C ASN B 335 -26.14 -27.71 13.74
N GLU B 336 -26.84 -27.69 14.87
CA GLU B 336 -26.78 -26.57 15.81
C GLU B 336 -25.39 -26.46 16.44
N PHE B 337 -24.77 -27.59 16.79
CA PHE B 337 -23.42 -27.55 17.36
C PHE B 337 -22.38 -27.10 16.33
N GLU B 338 -22.48 -27.63 15.10
CA GLU B 338 -21.57 -27.20 14.03
C GLU B 338 -21.71 -25.70 13.79
N GLU B 339 -22.95 -25.20 13.71
CA GLU B 339 -23.18 -23.77 13.54
C GLU B 339 -22.54 -22.96 14.67
N PHE B 340 -22.65 -23.43 15.90
CA PHE B 340 -22.04 -22.70 17.01
C PHE B 340 -20.53 -22.58 16.82
N VAL B 341 -19.87 -23.68 16.52
CA VAL B 341 -18.43 -23.62 16.32
C VAL B 341 -18.09 -22.69 15.15
N LEU B 342 -18.89 -22.75 14.07
CA LEU B 342 -18.65 -21.88 12.93
C LEU B 342 -18.77 -20.41 13.32
N PHE B 343 -19.81 -20.08 14.09
CA PHE B 343 -20.03 -18.69 14.47
C PHE B 343 -18.90 -18.16 15.34
N ASN B 344 -18.41 -18.98 16.28
CA ASN B 344 -17.29 -18.54 17.10
C ASN B 344 -16.03 -18.38 16.25
N ALA B 345 -15.78 -19.32 15.33
CA ALA B 345 -14.58 -19.26 14.49
C ALA B 345 -14.62 -18.04 13.59
N GLU B 346 -15.79 -17.70 13.05
CA GLU B 346 -15.91 -16.53 12.19
C GLU B 346 -15.74 -15.24 12.98
N THR B 347 -16.36 -15.17 14.16
CA THR B 347 -16.14 -14.03 15.04
C THR B 347 -14.64 -13.81 15.29
N LEU B 348 -13.93 -14.88 15.69
CA LEU B 348 -12.51 -14.70 15.98
C LEU B 348 -11.72 -14.31 14.72
N TYR B 349 -11.96 -15.00 13.60
CA TYR B 349 -11.22 -14.71 12.38
C TYR B 349 -11.37 -13.25 11.98
N HIS B 350 -12.61 -12.74 11.93
CA HIS B 350 -12.80 -11.41 11.37
C HIS B 350 -12.58 -10.31 12.38
N ASN B 351 -12.78 -10.58 13.67
CA ASN B 351 -12.86 -9.51 14.65
C ASN B 351 -11.85 -9.61 15.77
N GLY B 352 -11.17 -10.74 15.93
CA GLY B 352 -10.40 -10.97 17.13
C GLY B 352 -8.93 -11.26 16.95
N LEU B 353 -8.52 -11.59 15.72
CA LEU B 353 -7.12 -11.94 15.46
C LEU B 353 -6.30 -10.69 15.16
N THR B 354 -5.10 -10.62 15.76
CA THR B 354 -4.16 -9.55 15.44
C THR B 354 -3.51 -9.80 14.09
N SER B 355 -2.72 -8.81 13.64
CA SER B 355 -1.98 -8.97 12.39
C SER B 355 -0.99 -10.13 12.47
N ALA B 356 -0.43 -10.39 13.66
CA ALA B 356 0.50 -11.50 13.86
C ALA B 356 -0.20 -12.84 14.09
N GLY B 357 -1.52 -12.90 13.94
CA GLY B 357 -2.24 -14.15 14.13
C GLY B 357 -2.41 -14.58 15.57
N LEU B 358 -2.53 -13.61 16.47
CA LEU B 358 -2.74 -13.89 17.89
C LEU B 358 -4.21 -13.65 18.22
N ALA B 359 -4.75 -14.52 19.07
CA ALA B 359 -6.10 -14.36 19.60
C ALA B 359 -6.04 -13.84 21.03
N GLY B 360 -7.02 -13.02 21.40
CA GLY B 360 -7.09 -12.50 22.74
C GLY B 360 -8.06 -13.29 23.60
N PRO B 361 -8.26 -12.84 24.84
CA PRO B 361 -9.27 -13.49 25.68
C PRO B 361 -10.68 -13.30 25.15
N ASN B 362 -10.97 -12.15 24.54
CA ASN B 362 -12.27 -11.82 23.99
C ASN B 362 -12.22 -12.09 22.49
N TRP B 363 -12.95 -13.11 22.05
CA TRP B 363 -12.90 -13.49 20.65
C TRP B 363 -13.49 -12.42 19.75
N ASN B 364 -14.27 -11.49 20.29
CA ASN B 364 -14.88 -10.43 19.50
C ASN B 364 -14.01 -9.18 19.39
N ASP B 365 -12.84 -9.16 20.02
CA ASP B 365 -12.04 -7.93 20.07
C ASP B 365 -10.57 -8.28 19.95
N GLU B 366 -9.84 -7.43 19.22
CA GLU B 366 -8.40 -7.60 19.05
C GLU B 366 -7.70 -7.29 20.36
N PRO B 367 -6.80 -8.16 20.83
CA PRO B 367 -6.14 -7.89 22.12
C PRO B 367 -5.19 -6.69 21.98
N SER B 368 -5.11 -5.87 23.04
CA SER B 368 -4.14 -4.77 23.08
C SER B 368 -2.91 -5.25 23.83
N GLY B 369 -1.95 -5.80 23.09
CA GLY B 369 -0.64 -6.04 23.67
C GLY B 369 -0.42 -7.51 24.07
N ARG B 370 -0.21 -7.73 25.36
CA ARG B 370 0.18 -9.04 25.85
C ARG B 370 -0.81 -10.11 25.43
N VAL B 371 -0.28 -11.24 24.99
CA VAL B 371 -1.07 -12.44 24.72
C VAL B 371 -0.39 -13.64 25.36
N ASP B 372 -0.99 -14.18 26.42
CA ASP B 372 -0.46 -15.37 27.06
C ASP B 372 -0.59 -16.58 26.14
N LEU B 373 0.35 -17.50 26.26
CA LEU B 373 0.32 -18.72 25.47
C LEU B 373 -1.01 -19.46 25.63
N SER B 374 -1.52 -19.54 26.86
CA SER B 374 -2.82 -20.17 27.10
C SER B 374 -3.90 -19.59 26.18
N THR B 375 -4.04 -18.25 26.24
CA THR B 375 -5.05 -17.55 25.46
C THR B 375 -4.91 -17.85 23.98
N GLN B 376 -3.68 -17.92 23.49
CA GLN B 376 -3.41 -18.18 22.08
C GLN B 376 -3.78 -19.61 21.73
N LEU B 377 -3.49 -20.55 22.62
CA LEU B 377 -3.83 -21.95 22.36
C LEU B 377 -5.32 -22.09 22.19
N SER B 378 -6.11 -21.32 22.95
CA SER B 378 -7.55 -21.42 22.77
C SER B 378 -7.97 -21.04 21.34
N GLY B 379 -7.39 -19.97 20.79
CA GLY B 379 -7.70 -19.59 19.41
C GLY B 379 -7.26 -20.63 18.40
N VAL B 380 -6.05 -21.17 18.58
CA VAL B 380 -5.62 -22.25 17.71
C VAL B 380 -6.57 -23.45 17.80
N MET B 381 -6.99 -23.80 19.03
CA MET B 381 -7.87 -24.94 19.19
C MET B 381 -9.20 -24.69 18.49
N LEU B 382 -9.71 -23.46 18.58
CA LEU B 382 -10.94 -23.12 17.88
C LEU B 382 -10.81 -23.39 16.39
N MET B 383 -9.70 -22.94 15.80
CA MET B 383 -9.56 -23.07 14.35
C MET B 383 -9.33 -24.51 13.93
N GLU B 384 -8.56 -25.26 14.70
CA GLU B 384 -8.41 -26.68 14.39
C GLU B 384 -9.73 -27.43 14.52
N ALA B 385 -10.54 -27.08 15.53
CA ALA B 385 -11.85 -27.69 15.67
C ALA B 385 -12.73 -27.37 14.47
N LYS B 386 -12.81 -26.09 14.11
CA LYS B 386 -13.59 -25.72 12.93
C LYS B 386 -13.12 -26.48 11.69
N ALA B 387 -11.81 -26.64 11.53
CA ALA B 387 -11.30 -27.38 10.38
C ALA B 387 -11.70 -28.86 10.45
N LEU B 388 -11.78 -29.43 11.64
CA LEU B 388 -12.21 -30.84 11.78
C LEU B 388 -13.67 -31.02 11.38
N LEU B 389 -14.52 -30.02 11.58
CA LEU B 389 -15.88 -30.05 11.08
C LEU B 389 -15.95 -29.79 9.57
N GLU B 390 -14.78 -29.78 8.91
CA GLU B 390 -14.65 -29.42 7.50
C GLU B 390 -15.52 -28.21 7.14
N ASP C 53 28.05 22.08 -13.46
CA ASP C 53 28.20 22.23 -11.98
C ASP C 53 27.36 21.14 -11.29
N TRP C 54 27.59 20.92 -10.00
CA TRP C 54 27.01 19.79 -9.26
C TRP C 54 25.48 19.86 -9.26
N GLY C 55 24.84 21.02 -8.94
CA GLY C 55 23.40 21.15 -8.89
C GLY C 55 22.74 20.88 -10.23
N GLU C 56 23.40 21.25 -11.33
CA GLU C 56 22.84 20.96 -12.64
C GLU C 56 22.87 19.47 -12.94
N VAL C 57 23.94 18.78 -12.54
CA VAL C 57 23.97 17.32 -12.68
C VAL C 57 22.83 16.70 -11.89
N ALA C 58 22.61 17.18 -10.66
CA ALA C 58 21.52 16.65 -9.85
C ALA C 58 20.16 16.89 -10.50
N GLU C 59 19.93 18.11 -11.00
CA GLU C 59 18.66 18.43 -11.65
C GLU C 59 18.44 17.57 -12.89
N ASN C 60 19.51 17.30 -13.66
CA ASN C 60 19.36 16.42 -14.81
C ASN C 60 18.94 15.01 -14.38
N LEU C 61 19.59 14.48 -13.35
CA LEU C 61 19.17 13.15 -12.87
C LEU C 61 17.75 13.18 -12.31
N GLN C 62 17.34 14.28 -11.68
CA GLN C 62 15.97 14.41 -11.21
C GLN C 62 14.98 14.29 -12.36
N GLU C 63 15.23 15.04 -13.43
CA GLU C 63 14.34 15.03 -14.60
C GLU C 63 14.29 13.65 -15.24
N GLN C 64 15.46 13.03 -15.41
CA GLN C 64 15.47 11.69 -15.99
C GLN C 64 14.71 10.68 -15.12
N THR C 65 14.94 10.70 -13.81
CA THR C 65 14.26 9.76 -12.92
C THR C 65 12.74 9.94 -13.01
N TYR C 66 12.28 11.18 -12.85
CA TYR C 66 10.84 11.44 -12.94
C TYR C 66 10.26 10.87 -14.22
N ASN C 67 10.89 11.16 -15.35
CA ASN C 67 10.25 10.84 -16.62
C ASN C 67 10.32 9.35 -16.95
N ILE C 68 11.43 8.69 -16.58
CA ILE C 68 11.53 7.29 -16.88
C ILE C 68 10.64 6.45 -15.99
N TYR C 69 10.44 6.86 -14.73
CA TYR C 69 9.75 5.99 -13.79
C TYR C 69 8.32 6.43 -13.45
N LEU C 70 7.92 7.63 -13.82
CA LEU C 70 6.56 8.06 -13.55
C LEU C 70 5.58 7.02 -14.07
N THR C 71 4.66 6.63 -13.21
CA THR C 71 3.62 5.71 -13.65
C THR C 71 2.27 6.19 -13.14
N SER C 72 1.36 5.24 -12.99
CA SER C 72 0.02 5.52 -12.52
C SER C 72 0.01 6.31 -11.22
N ASN C 73 -0.98 7.21 -11.12
CA ASN C 73 -1.36 7.86 -9.87
C ASN C 73 -0.26 8.75 -9.29
N GLY C 74 0.72 9.14 -10.09
CA GLY C 74 1.82 9.94 -9.58
C GLY C 74 2.88 9.18 -8.82
N THR C 75 2.85 7.86 -8.87
CA THR C 75 3.84 7.03 -8.21
C THR C 75 4.88 6.61 -9.25
N PHE C 76 5.84 5.80 -8.82
CA PHE C 76 6.98 5.47 -9.65
C PHE C 76 7.20 3.97 -9.64
N ARG C 77 7.47 3.46 -10.84
CA ARG C 77 7.44 2.03 -11.12
C ARG C 77 8.76 1.39 -10.70
N GLN C 78 8.80 0.06 -10.81
CA GLN C 78 9.90 -0.68 -10.22
C GLN C 78 11.17 -0.53 -11.05
N ASP C 79 11.05 -0.48 -12.38
CA ASP C 79 12.25 -0.41 -13.19
C ASP C 79 11.96 0.28 -14.51
N ASN C 80 13.04 0.48 -15.28
CA ASN C 80 12.98 1.20 -16.54
C ASN C 80 12.65 0.30 -17.73
N GLU C 81 12.32 -0.97 -17.51
CA GLU C 81 11.99 -1.87 -18.60
C GLU C 81 10.54 -2.35 -18.52
N GLY C 82 9.68 -1.55 -17.92
CA GLY C 82 8.26 -1.82 -17.95
C GLY C 82 7.68 -2.57 -16.75
N ASN C 83 8.48 -2.90 -15.73
CA ASN C 83 7.91 -3.53 -14.55
C ASN C 83 7.18 -2.47 -13.72
N GLU C 84 5.86 -2.60 -13.67
CA GLU C 84 4.98 -1.66 -13.02
C GLU C 84 4.78 -1.91 -11.53
N ASN C 85 5.46 -2.91 -10.96
CA ASN C 85 5.22 -3.24 -9.55
C ASN C 85 5.42 -2.00 -8.69
N PHE C 86 4.54 -1.85 -7.69
CA PHE C 86 4.58 -0.75 -6.73
C PHE C 86 5.40 -1.16 -5.50
N ASN C 87 6.45 -0.39 -5.18
CA ASN C 87 7.27 -0.59 -3.99
C ASN C 87 7.09 0.61 -3.07
N TYR C 88 6.34 0.39 -1.98
CA TYR C 88 5.96 1.46 -1.05
C TYR C 88 7.18 2.23 -0.55
N TRP C 89 8.18 1.53 -0.02
CA TRP C 89 9.27 2.27 0.61
C TRP C 89 10.20 2.89 -0.42
N TRP C 90 10.30 2.31 -1.61
CA TRP C 90 11.03 3.01 -2.66
C TRP C 90 10.33 4.32 -3.03
N ASN C 91 8.99 4.31 -3.08
CA ASN C 91 8.28 5.56 -3.37
C ASN C 91 8.39 6.56 -2.22
N ALA C 92 8.49 6.09 -0.98
CA ALA C 92 8.83 7.00 0.11
C ALA C 92 10.18 7.68 -0.15
N HIS C 93 11.15 6.95 -0.66
CA HIS C 93 12.42 7.60 -0.92
C HIS C 93 12.40 8.45 -2.18
N MET C 94 11.55 8.13 -3.15
CA MET C 94 11.31 9.08 -4.22
C MET C 94 10.82 10.42 -3.65
N LEU C 95 9.94 10.36 -2.66
CA LEU C 95 9.48 11.59 -2.01
C LEU C 95 10.66 12.35 -1.38
N ASP C 96 11.53 11.62 -0.67
CA ASP C 96 12.74 12.26 -0.14
C ASP C 96 13.58 12.94 -1.23
N VAL C 97 13.69 12.31 -2.40
CA VAL C 97 14.50 12.88 -3.49
C VAL C 97 13.83 14.13 -4.05
N LEU C 98 12.50 14.10 -4.20
CA LEU C 98 11.81 15.31 -4.66
C LEU C 98 12.03 16.45 -3.68
N ILE C 99 11.99 16.14 -2.39
CA ILE C 99 12.24 17.18 -1.40
C ILE C 99 13.65 17.72 -1.56
N ASP C 100 14.64 16.83 -1.77
CA ASP C 100 16.00 17.31 -2.02
C ASP C 100 15.98 18.37 -3.13
N GLY C 101 15.29 18.06 -4.22
CA GLY C 101 15.23 18.99 -5.35
C GLY C 101 14.58 20.31 -4.97
N TYR C 102 13.44 20.24 -4.27
CA TYR C 102 12.74 21.44 -3.83
C TYR C 102 13.63 22.31 -2.95
N GLU C 103 14.34 21.69 -2.00
CA GLU C 103 15.20 22.45 -1.09
C GLU C 103 16.33 23.12 -1.86
N ARG C 104 16.90 22.42 -2.85
CA ARG C 104 18.01 22.98 -3.60
C ARG C 104 17.55 24.13 -4.50
N THR C 105 16.42 23.98 -5.19
CA THR C 105 16.03 24.92 -6.21
C THR C 105 15.01 25.95 -5.75
N GLY C 106 14.19 25.62 -4.74
CA GLY C 106 13.06 26.45 -4.36
C GLY C 106 11.99 26.44 -5.44
N ASP C 107 12.10 25.50 -6.38
CA ASP C 107 11.22 25.50 -7.54
C ASP C 107 9.87 24.88 -7.16
N GLU C 108 8.81 25.68 -7.30
CA GLU C 108 7.47 25.27 -6.87
C GLU C 108 6.96 24.03 -7.61
N SER C 109 7.50 23.73 -8.79
CA SER C 109 7.00 22.60 -9.56
C SER C 109 7.22 21.27 -8.84
N TYR C 110 8.12 21.21 -7.86
CA TYR C 110 8.31 19.98 -7.11
C TYR C 110 7.08 19.66 -6.25
N LEU C 111 6.31 20.68 -5.86
CA LEU C 111 5.30 20.49 -4.83
C LEU C 111 4.11 19.66 -5.31
N PRO C 112 3.55 19.89 -6.50
CA PRO C 112 2.47 19.00 -6.95
C PRO C 112 2.94 17.58 -7.17
N LYS C 113 4.18 17.39 -7.65
CA LYS C 113 4.72 16.04 -7.80
C LYS C 113 4.77 15.32 -6.45
N MET C 114 5.24 16.01 -5.41
CA MET C 114 5.25 15.43 -4.07
C MET C 114 3.84 15.09 -3.64
N LYS C 115 2.89 16.01 -3.85
CA LYS C 115 1.54 15.75 -3.37
C LYS C 115 0.92 14.58 -4.11
N SER C 116 1.04 14.55 -5.44
CA SER C 116 0.51 13.42 -6.18
C SER C 116 1.13 12.13 -5.67
N LEU C 117 2.44 12.14 -5.40
CA LEU C 117 3.09 10.93 -4.93
C LEU C 117 2.50 10.50 -3.60
N LEU C 118 2.29 11.46 -2.71
CA LEU C 118 1.73 11.14 -1.41
C LEU C 118 0.37 10.48 -1.57
N GLU C 119 -0.46 11.02 -2.47
CA GLU C 119 -1.80 10.48 -2.65
C GLU C 119 -1.76 9.16 -3.40
N GLY C 120 -0.82 9.03 -4.33
CA GLY C 120 -0.75 7.81 -5.11
C GLY C 120 -0.27 6.63 -4.28
N ILE C 121 0.65 6.88 -3.36
CA ILE C 121 1.06 5.83 -2.44
C ILE C 121 -0.18 5.26 -1.77
N GLU C 122 -1.07 6.14 -1.29
CA GLU C 122 -2.24 5.64 -0.58
C GLU C 122 -3.05 4.74 -1.48
N VAL C 123 -3.24 5.16 -2.73
CA VAL C 123 -4.03 4.36 -3.66
C VAL C 123 -3.37 3.01 -3.87
N ARG C 124 -2.06 2.99 -4.16
CA ARG C 124 -1.44 1.76 -4.62
C ARG C 124 -1.19 0.79 -3.49
N ASN C 125 -1.20 1.27 -2.26
CA ASN C 125 -1.10 0.47 -1.06
C ASN C 125 -2.46 -0.04 -0.59
N GLY C 126 -3.48 0.05 -1.44
CA GLY C 126 -4.81 -0.40 -1.08
C GLY C 126 -5.61 0.62 -0.29
N ASN C 127 -5.49 1.90 -0.64
CA ASN C 127 -6.35 2.94 -0.06
C ASN C 127 -6.14 3.05 1.45
N LYS C 128 -4.88 3.06 1.85
CA LYS C 128 -4.49 3.26 3.24
C LYS C 128 -2.99 3.45 3.24
N TYR C 129 -2.50 4.00 4.34
CA TYR C 129 -1.06 4.19 4.51
C TYR C 129 -0.43 3.11 5.38
N GLU C 130 -1.22 2.41 6.18
CA GLU C 130 -0.68 1.34 7.01
C GLU C 130 -0.09 0.24 6.15
N ASN C 131 0.93 -0.42 6.70
CA ASN C 131 1.71 -1.43 6.01
C ASN C 131 2.16 -2.45 7.05
N VAL C 132 2.19 -3.72 6.66
CA VAL C 132 2.72 -4.74 7.56
C VAL C 132 4.19 -4.49 7.87
N PHE C 133 4.89 -3.83 6.95
CA PHE C 133 6.31 -3.52 7.14
C PHE C 133 6.42 -2.24 7.95
N ILE C 134 6.91 -2.33 9.18
CA ILE C 134 6.99 -1.14 10.01
C ILE C 134 8.12 -0.23 9.54
N ASP C 135 9.20 -0.80 9.00
CA ASP C 135 10.23 0.07 8.44
C ASP C 135 9.68 0.88 7.28
N ASP C 136 8.86 0.27 6.43
CA ASP C 136 8.24 1.03 5.33
C ASP C 136 7.51 2.28 5.86
N MET C 137 6.67 2.08 6.87
CA MET C 137 5.91 3.16 7.48
C MET C 137 6.84 4.23 8.05
N GLU C 138 7.97 3.82 8.62
CA GLU C 138 8.94 4.76 9.17
C GLU C 138 9.56 5.62 8.08
N TRP C 139 9.98 5.00 6.97
CA TRP C 139 10.56 5.80 5.90
C TRP C 139 9.56 6.84 5.39
N LEU C 140 8.30 6.41 5.19
CA LEU C 140 7.31 7.38 4.70
C LEU C 140 7.08 8.48 5.72
N GLY C 141 7.04 8.13 7.00
CA GLY C 141 6.81 9.14 8.02
C GLY C 141 7.90 10.18 8.05
N ILE C 142 9.16 9.74 7.91
CA ILE C 142 10.25 10.70 7.84
C ILE C 142 10.05 11.65 6.66
N ALA C 143 9.74 11.10 5.49
CA ALA C 143 9.57 11.95 4.31
C ALA C 143 8.45 12.95 4.52
N CYS C 144 7.39 12.51 5.21
CA CYS C 144 6.24 13.39 5.44
C CYS C 144 6.58 14.51 6.41
N LEU C 145 7.36 14.20 7.45
CA LEU C 145 7.74 15.24 8.40
C LEU C 145 8.72 16.23 7.78
N ARG C 146 9.65 15.75 6.95
CA ARG C 146 10.52 16.66 6.20
C ARG C 146 9.70 17.67 5.40
N THR C 147 8.73 17.13 4.65
CA THR C 147 7.87 18.00 3.86
C THR C 147 7.11 18.97 4.75
N TYR C 148 6.53 18.49 5.84
CA TYR C 148 5.74 19.38 6.70
C TYR C 148 6.60 20.49 7.27
N LYS C 149 7.83 20.16 7.66
CA LYS C 149 8.77 21.17 8.15
C LYS C 149 8.97 22.25 7.11
N LEU C 150 8.98 21.88 5.83
CA LEU C 150 9.23 22.91 4.82
C LEU C 150 7.98 23.63 4.31
N THR C 151 6.80 23.01 4.37
CA THR C 151 5.62 23.59 3.75
C THR C 151 4.50 23.93 4.71
N ASN C 152 4.49 23.36 5.92
CA ASN C 152 3.37 23.43 6.85
C ASN C 152 2.07 22.87 6.26
N ASP C 153 2.17 22.01 5.23
CA ASP C 153 1.00 21.36 4.64
C ASP C 153 0.52 20.24 5.55
N GLN C 154 -0.64 20.44 6.17
CA GLN C 154 -1.12 19.56 7.22
C GLN C 154 -1.41 18.14 6.73
N GLN C 155 -1.64 17.94 5.43
CA GLN C 155 -1.87 16.60 4.91
C GLN C 155 -0.69 15.66 5.22
N TYR C 156 0.54 16.18 5.08
CA TYR C 156 1.72 15.40 5.41
C TYR C 156 1.81 15.11 6.92
N LYS C 157 1.45 16.08 7.75
CA LYS C 157 1.51 15.87 9.20
C LYS C 157 0.50 14.81 9.64
N GLU C 158 -0.71 14.83 9.08
CA GLU C 158 -1.69 13.83 9.47
C GLU C 158 -1.22 12.43 9.10
N VAL C 159 -0.62 12.28 7.91
CA VAL C 159 -0.08 10.98 7.53
C VAL C 159 1.04 10.57 8.50
N ALA C 160 1.94 11.49 8.80
CA ALA C 160 3.04 11.19 9.72
C ALA C 160 2.53 10.76 11.09
N ASP C 161 1.48 11.42 11.60
CA ASP C 161 0.97 11.07 12.92
C ASP C 161 0.39 9.67 12.93
N LEU C 162 -0.38 9.32 11.90
CA LEU C 162 -0.85 7.94 11.77
C LEU C 162 0.31 6.94 11.80
N LEU C 163 1.33 7.18 10.97
CA LEU C 163 2.44 6.25 10.89
C LEU C 163 3.23 6.20 12.19
N TRP C 164 3.33 7.31 12.91
CA TRP C 164 4.08 7.30 14.16
C TRP C 164 3.36 6.48 15.22
N GLU C 165 2.02 6.53 15.26
CA GLU C 165 1.32 5.66 16.19
C GLU C 165 1.56 4.19 15.85
N GLU C 166 1.49 3.86 14.55
CA GLU C 166 1.78 2.48 14.16
C GLU C 166 3.21 2.08 14.50
N THR C 167 4.16 3.01 14.41
CA THR C 167 5.54 2.70 14.72
C THR C 167 5.70 2.42 16.21
N LYS C 168 5.12 3.27 17.06
CA LYS C 168 5.24 3.05 18.50
C LYS C 168 4.62 1.73 18.93
N GLN C 169 3.53 1.32 18.26
CA GLN C 169 2.93 0.04 18.62
C GLN C 169 3.88 -1.13 18.35
N GLY C 170 4.91 -0.94 17.53
CA GLY C 170 5.85 -2.01 17.24
C GLY C 170 6.87 -2.26 18.32
N TRP C 171 7.01 -1.35 19.27
CA TRP C 171 7.94 -1.54 20.38
C TRP C 171 7.48 -2.68 21.27
N SER C 172 8.44 -3.51 21.69
CA SER C 172 8.15 -4.54 22.69
C SER C 172 9.40 -4.76 23.52
N ASP C 173 9.22 -5.47 24.63
CA ASP C 173 10.34 -5.86 25.48
C ASP C 173 11.04 -7.14 25.00
N VAL C 174 10.55 -7.77 23.93
CA VAL C 174 11.27 -8.88 23.34
C VAL C 174 12.67 -8.40 22.95
N HIS C 175 13.68 -9.21 23.30
CA HIS C 175 15.08 -8.83 23.14
C HIS C 175 15.40 -7.53 23.86
N GLY C 176 14.69 -7.27 24.96
CA GLY C 176 14.97 -6.13 25.79
C GLY C 176 14.56 -4.79 25.22
N GLY C 177 13.83 -4.75 24.11
CA GLY C 177 13.36 -3.52 23.54
C GLY C 177 13.41 -3.58 22.03
N GLY C 178 13.24 -2.43 21.40
CA GLY C 178 13.33 -2.31 19.95
C GLY C 178 11.99 -2.38 19.26
N ILE C 179 11.88 -1.72 18.12
CA ILE C 179 10.70 -1.79 17.28
C ILE C 179 10.79 -3.02 16.39
N ALA C 180 9.71 -3.81 16.34
CA ALA C 180 9.67 -4.98 15.48
C ALA C 180 9.76 -4.58 14.02
N TRP C 181 10.30 -5.50 13.23
CA TRP C 181 10.44 -5.30 11.79
C TRP C 181 9.08 -5.17 11.11
N LYS C 182 8.16 -6.08 11.43
CA LYS C 182 6.87 -6.17 10.75
C LYS C 182 5.78 -6.42 11.80
N THR C 183 4.55 -6.03 11.45
CA THR C 183 3.46 -6.20 12.40
C THR C 183 3.15 -7.67 12.64
N ASP C 184 3.65 -8.57 11.81
CA ASP C 184 3.39 -10.01 11.96
C ASP C 184 4.65 -10.81 12.31
N THR C 185 5.75 -10.16 12.65
CA THR C 185 6.97 -10.82 13.12
C THR C 185 7.43 -10.12 14.39
N PRO C 186 6.71 -10.32 15.50
CA PRO C 186 7.03 -9.53 16.72
C PRO C 186 8.39 -9.84 17.32
N ASN C 187 9.06 -10.91 16.91
CA ASN C 187 10.30 -11.29 17.56
C ASN C 187 11.54 -10.84 16.80
N SER C 188 11.39 -10.24 15.62
CA SER C 188 12.54 -9.74 14.86
C SER C 188 12.61 -8.23 15.06
N LYS C 189 13.69 -7.78 15.72
CA LYS C 189 13.98 -6.35 15.91
C LYS C 189 15.15 -5.99 15.00
N ASN C 190 14.92 -5.07 14.06
CA ASN C 190 15.83 -4.83 12.96
C ASN C 190 16.41 -3.42 13.00
N ALA C 191 17.66 -3.30 12.55
CA ALA C 191 18.24 -1.95 12.44
C ALA C 191 17.38 -1.06 11.56
N CYS C 192 16.80 -1.59 10.46
CA CYS C 192 16.02 -0.77 9.55
C CYS C 192 14.63 -0.42 10.08
N SER C 193 14.19 -1.02 11.20
CA SER C 193 12.97 -0.57 11.85
C SER C 193 13.23 0.21 13.13
N ASN C 194 14.48 0.51 13.44
CA ASN C 194 14.77 1.24 14.66
C ASN C 194 15.56 2.52 14.40
N GLY C 195 16.64 2.47 13.62
CA GLY C 195 17.31 3.68 13.21
C GLY C 195 16.32 4.70 12.65
N PRO C 196 15.58 4.31 11.61
CA PRO C 196 14.57 5.24 11.06
C PRO C 196 13.54 5.66 12.09
N ALA C 197 13.17 4.79 13.03
CA ALA C 197 12.20 5.19 14.05
C ALA C 197 12.76 6.27 14.94
N ALA C 198 14.04 6.18 15.29
CA ALA C 198 14.65 7.23 16.08
C ALA C 198 14.68 8.54 15.30
N ILE C 199 15.04 8.48 14.02
CA ILE C 199 15.04 9.69 13.18
C ILE C 199 13.63 10.29 13.11
N PHE C 200 12.63 9.46 12.87
CA PHE C 200 11.22 9.85 12.87
C PHE C 200 10.88 10.60 14.16
N ALA C 201 11.22 9.99 15.31
CA ALA C 201 10.96 10.61 16.60
C ALA C 201 11.65 11.96 16.74
N LEU C 202 12.87 12.08 16.20
CA LEU C 202 13.60 13.34 16.36
C LEU C 202 13.01 14.43 15.49
N TYR C 203 12.60 14.10 14.26
CA TYR C 203 11.89 15.08 13.46
C TYR C 203 10.63 15.54 14.17
N LEU C 204 9.87 14.58 14.73
CA LEU C 204 8.64 14.90 15.44
C LEU C 204 8.92 15.78 16.66
N TYR C 205 9.97 15.46 17.40
CA TYR C 205 10.33 16.30 18.54
C TYR C 205 10.69 17.70 18.09
N GLU C 206 11.41 17.82 16.97
CA GLU C 206 11.76 19.14 16.47
C GLU C 206 10.51 19.93 16.11
N ILE C 207 9.52 19.28 15.52
CA ILE C 207 8.36 19.99 15.00
C ILE C 207 7.37 20.30 16.10
N ASP C 208 6.89 19.28 16.80
CA ASP C 208 5.89 19.43 17.85
C ASP C 208 6.49 19.72 19.22
N GLN C 209 7.82 19.68 19.34
CA GLN C 209 8.52 20.07 20.57
C GLN C 209 7.95 19.37 21.80
N ASP C 210 7.53 18.12 21.64
CA ASP C 210 7.03 17.30 22.73
C ASP C 210 8.16 16.42 23.27
N GLU C 211 8.40 16.50 24.59
CA GLU C 211 9.56 15.80 25.16
C GLU C 211 9.37 14.29 25.19
N GLU C 212 8.13 13.79 25.17
CA GLU C 212 7.88 12.37 25.02
C GLU C 212 8.54 11.81 23.75
N ASP C 213 8.57 12.61 22.67
CA ASP C 213 9.14 12.11 21.43
C ASP C 213 10.66 12.05 21.52
N LEU C 214 11.29 12.98 22.24
CA LEU C 214 12.71 12.85 22.52
C LEU C 214 12.99 11.64 23.39
N GLU C 215 12.10 11.33 24.33
CA GLU C 215 12.28 10.13 25.14
C GLU C 215 12.26 8.89 24.26
N TRP C 216 11.32 8.83 23.33
CA TRP C 216 11.28 7.72 22.38
C TRP C 216 12.58 7.65 21.60
N ALA C 217 13.06 8.79 21.08
CA ALA C 217 14.28 8.78 20.28
C ALA C 217 15.45 8.23 21.09
N LYS C 218 15.61 8.70 22.33
CA LYS C 218 16.71 8.24 23.17
C LYS C 218 16.60 6.76 23.49
N LYS C 219 15.39 6.27 23.78
CA LYS C 219 15.19 4.86 24.10
C LYS C 219 15.49 3.97 22.91
N ILE C 220 14.90 4.29 21.76
CA ILE C 220 15.18 3.52 20.55
C ILE C 220 16.68 3.49 20.30
N TYR C 221 17.32 4.67 20.34
CA TYR C 221 18.74 4.76 20.05
C TYR C 221 19.57 3.94 21.03
N HIS C 222 19.27 4.03 22.32
CA HIS C 222 20.11 3.30 23.27
C HIS C 222 19.96 1.79 23.10
N TRP C 223 18.74 1.33 22.78
CA TRP C 223 18.55 -0.09 22.47
C TRP C 223 19.35 -0.48 21.23
N LEU C 224 19.28 0.34 20.18
CA LEU C 224 20.01 0.05 18.95
C LEU C 224 21.51 -0.04 19.21
N LYS C 225 22.05 0.96 19.91
CA LYS C 225 23.48 0.99 20.18
C LYS C 225 23.88 -0.20 21.03
N ASP C 226 23.09 -0.54 22.04
CA ASP C 226 23.45 -1.64 22.92
C ASP C 226 23.31 -3.00 22.25
N THR C 227 22.50 -3.11 21.19
CA THR C 227 22.16 -4.42 20.65
C THR C 227 22.78 -4.70 19.29
N LEU C 228 22.67 -3.77 18.34
CA LEU C 228 23.09 -4.09 16.98
C LEU C 228 24.33 -3.35 16.49
N VAL C 229 24.89 -2.43 17.28
CA VAL C 229 26.07 -1.65 16.84
C VAL C 229 27.33 -2.41 17.26
N ASP C 230 28.20 -2.80 16.31
CA ASP C 230 29.48 -3.48 16.56
C ASP C 230 30.32 -2.53 17.41
N PRO C 231 30.68 -2.85 18.65
CA PRO C 231 31.43 -1.93 19.47
C PRO C 231 32.89 -1.76 19.05
N GLU C 232 33.47 -2.49 18.12
CA GLU C 232 34.87 -2.26 17.67
C GLU C 232 34.90 -1.30 16.49
N SER C 233 33.83 -1.24 15.68
CA SER C 233 33.82 -0.38 14.48
C SER C 233 32.74 0.70 14.46
N GLY C 234 31.61 0.52 15.03
CA GLY C 234 30.49 1.37 14.79
C GLY C 234 29.63 0.99 13.60
N LEU C 235 29.95 -0.10 12.90
CA LEU C 235 29.03 -0.61 11.90
C LEU C 235 27.87 -1.33 12.60
N VAL C 236 26.80 -1.59 11.86
CA VAL C 236 25.53 -2.00 12.44
C VAL C 236 25.09 -3.32 11.83
N TRP C 237 24.83 -4.28 12.70
CA TRP C 237 24.30 -5.58 12.35
C TRP C 237 22.82 -5.44 12.01
N ASP C 238 22.33 -6.37 11.21
CA ASP C 238 21.02 -6.14 10.59
C ASP C 238 19.85 -6.36 11.54
N ASN C 239 19.92 -7.37 12.41
CA ASN C 239 18.75 -7.66 13.25
C ASN C 239 19.11 -8.65 14.35
N ILE C 240 18.22 -8.71 15.34
CA ILE C 240 18.22 -9.75 16.36
C ILE C 240 16.85 -10.44 16.28
N ASP C 241 16.85 -11.77 16.42
CA ASP C 241 15.62 -12.54 16.21
C ASP C 241 15.76 -13.86 16.94
N TYR C 242 14.64 -14.51 17.23
CA TYR C 242 14.68 -15.87 17.74
C TYR C 242 14.74 -16.86 16.58
N HIS C 243 15.74 -17.74 16.62
CA HIS C 243 15.84 -18.88 15.71
C HIS C 243 15.94 -20.16 16.54
N ASP C 244 15.06 -21.13 16.23
CA ASP C 244 14.86 -22.33 17.06
C ASP C 244 14.91 -21.97 18.54
N GLY C 245 14.17 -20.94 18.91
CA GLY C 245 14.00 -20.59 20.30
C GLY C 245 15.17 -19.89 20.97
N GLU C 246 16.25 -19.63 20.26
CA GLU C 246 17.39 -18.94 20.83
C GLU C 246 17.58 -17.58 20.13
N ALA C 247 17.92 -16.55 20.91
CA ALA C 247 18.13 -15.23 20.34
C ALA C 247 19.45 -15.20 19.57
N ILE C 248 19.41 -14.67 18.35
CA ILE C 248 20.55 -14.67 17.45
C ILE C 248 20.61 -13.32 16.75
N ILE C 249 21.80 -12.72 16.72
CA ILE C 249 22.04 -11.49 15.97
C ILE C 249 22.64 -11.85 14.62
N ASN C 250 22.12 -11.26 13.56
CA ASN C 250 22.65 -11.51 12.23
C ASN C 250 23.80 -10.54 11.98
N ARG C 251 25.01 -11.04 12.11
CA ARG C 251 26.23 -10.27 11.91
C ARG C 251 26.76 -10.35 10.49
N ASP C 252 26.16 -11.18 9.63
CA ASP C 252 26.58 -11.35 8.25
C ASP C 252 25.97 -10.31 7.32
N TRP C 253 24.83 -9.72 7.69
CA TRP C 253 24.17 -8.69 6.89
C TRP C 253 24.61 -7.34 7.45
N ILE C 254 25.65 -6.77 6.87
CA ILE C 254 26.15 -5.45 7.25
C ILE C 254 25.90 -4.54 6.06
N PHE C 255 24.89 -3.69 6.17
CA PHE C 255 24.44 -2.90 5.05
C PHE C 255 24.75 -1.42 5.29
N THR C 256 25.02 -0.72 4.19
CA THR C 256 25.33 0.70 4.27
C THR C 256 24.25 1.50 4.98
N TYR C 257 22.98 1.24 4.66
CA TYR C 257 21.92 2.11 5.16
C TYR C 257 21.66 1.93 6.64
N ASN C 258 22.08 0.82 7.24
CA ASN C 258 21.85 0.64 8.67
C ASN C 258 22.87 1.44 9.49
N VAL C 259 24.14 1.42 9.08
CA VAL C 259 25.07 2.37 9.70
C VAL C 259 24.66 3.78 9.33
N GLY C 260 24.06 3.97 8.15
CA GLY C 260 23.57 5.28 7.76
C GLY C 260 22.54 5.86 8.71
N THR C 261 21.48 5.09 9.01
CA THR C 261 20.46 5.62 9.91
C THR C 261 20.94 5.68 11.35
N TYR C 262 21.90 4.84 11.74
CA TYR C 262 22.54 5.02 13.05
C TYR C 262 23.28 6.36 13.11
N ILE C 263 24.07 6.66 12.09
CA ILE C 263 24.75 7.96 12.02
C ILE C 263 23.72 9.10 12.03
N GLY C 264 22.66 8.96 11.23
CA GLY C 264 21.66 10.03 11.16
C GLY C 264 20.97 10.28 12.49
N ALA C 265 20.62 9.20 13.19
CA ALA C 265 20.00 9.34 14.49
C ALA C 265 20.96 9.93 15.51
N ALA C 266 22.23 9.50 15.52
CA ALA C 266 23.20 10.08 16.42
C ALA C 266 23.42 11.56 16.15
N ASN C 267 23.55 11.93 14.88
CA ASN C 267 23.73 13.34 14.53
C ASN C 267 22.51 14.15 14.97
N LEU C 268 21.29 13.65 14.73
CA LEU C 268 20.11 14.40 15.18
C LEU C 268 19.99 14.43 16.70
N LEU C 269 20.40 13.36 17.39
CA LEU C 269 20.39 13.39 18.84
C LEU C 269 21.40 14.40 19.38
N HIS C 270 22.57 14.48 18.76
CA HIS C 270 23.55 15.47 19.19
C HIS C 270 23.01 16.88 19.01
N GLN C 271 22.40 17.15 17.85
CA GLN C 271 21.84 18.47 17.60
C GLN C 271 20.68 18.75 18.55
N ALA C 272 19.97 17.72 19.00
CA ALA C 272 18.81 17.95 19.83
C ALA C 272 19.17 18.12 21.31
N THR C 273 20.23 17.46 21.78
CA THR C 273 20.55 17.45 23.21
C THR C 273 21.86 18.14 23.55
N GLY C 274 22.74 18.35 22.58
CA GLY C 274 24.05 18.92 22.83
C GLY C 274 25.02 17.99 23.51
N GLU C 275 24.66 16.72 23.72
CA GLU C 275 25.53 15.77 24.41
C GLU C 275 26.57 15.23 23.43
N GLY C 276 27.83 15.43 23.78
CA GLY C 276 28.94 15.07 22.90
C GLY C 276 29.01 13.61 22.55
N MET C 277 28.45 12.73 23.39
CA MET C 277 28.59 11.30 23.16
C MET C 277 27.91 10.89 21.85
N TYR C 278 26.83 11.57 21.48
CA TYR C 278 26.17 11.21 20.24
C TYR C 278 27.03 11.58 19.05
N LEU C 279 27.69 12.74 19.12
CA LEU C 279 28.62 13.15 18.07
C LEU C 279 29.79 12.17 17.98
N ASP C 280 30.30 11.75 19.14
CA ASP C 280 31.35 10.72 19.17
C ASP C 280 30.89 9.46 18.45
N ASP C 281 29.70 8.95 18.80
CA ASP C 281 29.14 7.78 18.14
C ASP C 281 29.11 7.96 16.63
N ALA C 282 28.54 9.08 16.19
CA ALA C 282 28.41 9.37 14.76
C ALA C 282 29.77 9.38 14.08
N ILE C 283 30.76 10.04 14.68
CA ILE C 283 32.10 10.16 14.07
C ILE C 283 32.75 8.78 13.98
N LYS C 284 32.63 7.95 15.00
CA LYS C 284 33.24 6.61 14.99
C LYS C 284 32.67 5.83 13.80
N SER C 285 31.35 5.76 13.68
CA SER C 285 30.66 5.05 12.58
C SER C 285 31.10 5.64 11.24
N ALA C 286 31.02 6.95 11.06
CA ALA C 286 31.37 7.56 9.78
C ALA C 286 32.83 7.28 9.41
N SER C 287 33.73 7.38 10.39
CA SER C 287 35.15 7.12 10.13
C SER C 287 35.34 5.70 9.65
N SER C 288 34.60 4.75 10.23
CA SER C 288 34.68 3.37 9.75
C SER C 288 34.12 3.23 8.34
N VAL C 289 33.14 4.05 7.98
CA VAL C 289 32.66 4.01 6.61
C VAL C 289 33.75 4.49 5.65
N VAL C 290 34.50 5.52 6.03
CA VAL C 290 35.51 6.07 5.11
C VAL C 290 36.75 5.19 5.04
N ALA C 291 37.27 4.75 6.19
CA ALA C 291 38.46 3.90 6.20
C ALA C 291 38.21 2.60 5.45
N PRO C 292 39.27 1.96 4.94
CA PRO C 292 39.10 0.68 4.26
C PRO C 292 38.35 -0.33 5.12
N GLY C 293 37.45 -1.08 4.50
CA GLY C 293 36.71 -2.09 5.23
C GLY C 293 35.55 -2.62 4.39
N GLU C 294 34.60 -3.22 5.10
CA GLU C 294 33.51 -4.00 4.50
C GLU C 294 32.68 -3.19 3.51
N LEU C 295 32.49 -1.90 3.74
CA LEU C 295 31.48 -1.17 3.00
C LEU C 295 32.01 -0.45 1.77
N THR C 296 33.32 -0.50 1.51
CA THR C 296 33.86 0.21 0.36
C THR C 296 34.80 -0.69 -0.44
N THR C 297 35.03 -0.29 -1.68
CA THR C 297 36.07 -0.87 -2.52
C THR C 297 36.75 0.27 -3.27
N GLY C 298 38.06 0.40 -3.13
CA GLY C 298 38.78 1.46 -3.83
C GLY C 298 38.33 2.85 -3.44
N GLY C 299 37.87 3.01 -2.20
CA GLY C 299 37.35 4.27 -1.74
C GLY C 299 35.92 4.56 -2.15
N VAL C 300 35.26 3.64 -2.86
CA VAL C 300 33.89 3.84 -3.33
C VAL C 300 32.97 2.87 -2.60
N LEU C 301 31.82 3.36 -2.15
CA LEU C 301 30.83 2.50 -1.50
C LEU C 301 30.49 1.33 -2.39
N LYS C 302 30.26 0.18 -1.77
CA LYS C 302 30.24 -1.07 -2.50
C LYS C 302 28.92 -1.31 -3.25
N ASN C 303 29.01 -2.21 -4.23
CA ASN C 303 27.84 -2.76 -4.90
C ASN C 303 27.04 -3.62 -3.95
N GLU C 304 25.80 -3.22 -3.66
CA GLU C 304 24.90 -4.01 -2.82
C GLU C 304 23.73 -4.60 -3.60
N GLY C 305 23.86 -4.67 -4.91
CA GLY C 305 22.82 -5.23 -5.75
C GLY C 305 21.71 -4.24 -6.04
N GLN C 306 20.74 -4.72 -6.83
CA GLN C 306 19.52 -3.95 -7.09
C GLN C 306 18.42 -4.38 -6.12
N GLY C 307 17.15 -4.30 -6.54
CA GLY C 307 16.10 -4.54 -5.55
C GLY C 307 16.23 -3.55 -4.39
N ASP C 308 15.80 -3.99 -3.21
CA ASP C 308 15.91 -3.13 -2.01
C ASP C 308 17.34 -2.61 -1.84
N GLY C 309 18.34 -3.48 -2.03
CA GLY C 309 19.72 -3.09 -1.78
C GLY C 309 20.17 -1.91 -2.62
N GLY C 310 19.51 -1.68 -3.76
CA GLY C 310 19.84 -0.55 -4.60
C GLY C 310 19.70 0.79 -3.90
N LEU C 311 18.83 0.87 -2.89
CA LEU C 311 18.62 2.12 -2.16
C LEU C 311 19.63 2.34 -1.04
N PHE C 312 20.37 1.31 -0.65
CA PHE C 312 21.08 1.39 0.63
C PHE C 312 22.12 2.51 0.58
N LYS C 313 22.92 2.56 -0.47
CA LYS C 313 23.96 3.58 -0.54
C LYS C 313 23.36 4.98 -0.42
N GLY C 314 22.28 5.24 -1.15
CA GLY C 314 21.72 6.57 -1.09
C GLY C 314 21.42 6.99 0.32
N ILE C 315 20.83 6.08 1.09
CA ILE C 315 20.43 6.44 2.45
C ILE C 315 21.66 6.75 3.29
N LEU C 316 22.71 5.93 3.17
CA LEU C 316 23.92 6.23 3.92
C LEU C 316 24.45 7.63 3.56
N VAL C 317 24.48 7.94 2.26
CA VAL C 317 25.07 9.21 1.87
C VAL C 317 24.27 10.34 2.48
N ARG C 318 22.94 10.21 2.49
CA ARG C 318 22.11 11.29 2.99
C ARG C 318 22.53 11.65 4.41
N TYR C 319 22.66 10.65 5.27
CA TYR C 319 22.92 10.96 6.66
C TYR C 319 24.39 11.21 6.91
N PHE C 320 25.27 10.57 6.14
CA PHE C 320 26.70 10.86 6.21
C PHE C 320 26.92 12.34 5.90
N THR C 321 26.23 12.83 4.87
CA THR C 321 26.32 14.24 4.50
C THR C 321 25.76 15.13 5.61
N GLN C 322 24.67 14.71 6.27
CA GLN C 322 24.16 15.55 7.35
C GLN C 322 25.19 15.67 8.47
N LEU C 323 25.89 14.58 8.76
CA LEU C 323 26.94 14.66 9.78
C LEU C 323 28.02 15.65 9.34
N ALA C 324 28.37 15.63 8.05
CA ALA C 324 29.42 16.51 7.54
C ALA C 324 29.03 17.96 7.72
N LEU C 325 27.74 18.26 7.88
CA LEU C 325 27.26 19.63 8.00
C LEU C 325 26.96 20.03 9.44
N ASN C 326 27.19 19.15 10.39
CA ASN C 326 27.02 19.48 11.80
C ASN C 326 28.03 20.57 12.17
N PRO C 327 27.59 21.68 12.75
CA PRO C 327 28.55 22.77 13.05
C PRO C 327 29.62 22.37 14.06
N ASP C 328 29.40 21.37 14.90
CA ASP C 328 30.38 21.00 15.91
C ASP C 328 31.33 19.90 15.46
N LEU C 329 31.29 19.51 14.20
CA LEU C 329 32.22 18.51 13.67
C LEU C 329 33.61 19.13 13.50
N PRO C 330 34.67 18.52 14.02
CA PRO C 330 36.01 19.09 13.83
C PRO C 330 36.36 19.23 12.35
N ASP C 331 37.15 20.28 12.06
CA ASP C 331 37.48 20.63 10.69
C ASP C 331 38.14 19.47 9.93
N GLY C 332 39.04 18.74 10.58
CA GLY C 332 39.69 17.63 9.90
C GLY C 332 38.70 16.56 9.49
N LYS C 333 37.78 16.20 10.39
CA LYS C 333 36.75 15.22 10.04
C LYS C 333 35.82 15.77 8.96
N ARG C 334 35.43 17.04 9.06
CA ARG C 334 34.59 17.66 8.03
C ARG C 334 35.23 17.48 6.66
N ASN C 335 36.51 17.82 6.54
CA ASN C 335 37.19 17.70 5.26
C ASN C 335 37.25 16.25 4.79
N GLU C 336 37.58 15.32 5.68
CA GLU C 336 37.64 13.92 5.29
C GLU C 336 36.29 13.44 4.74
N PHE C 337 35.19 13.80 5.41
CA PHE C 337 33.88 13.30 4.99
C PHE C 337 33.44 13.96 3.67
N GLU C 338 33.66 15.28 3.55
CA GLU C 338 33.35 15.97 2.31
C GLU C 338 34.10 15.33 1.13
N GLU C 339 35.39 15.04 1.31
CA GLU C 339 36.18 14.45 0.22
C GLU C 339 35.68 13.05 -0.11
N PHE C 340 35.27 12.28 0.89
CA PHE C 340 34.69 10.96 0.62
C PHE C 340 33.46 11.08 -0.29
N VAL C 341 32.57 12.02 0.03
CA VAL C 341 31.37 12.19 -0.79
C VAL C 341 31.75 12.65 -2.19
N LEU C 342 32.65 13.63 -2.30
CA LEU C 342 33.06 14.13 -3.61
C LEU C 342 33.67 13.03 -4.46
N PHE C 343 34.49 12.16 -3.85
CA PHE C 343 35.10 11.11 -4.64
C PHE C 343 34.06 10.11 -5.12
N ASN C 344 33.10 9.76 -4.26
CA ASN C 344 32.04 8.87 -4.72
C ASN C 344 31.23 9.51 -5.85
N ALA C 345 30.89 10.79 -5.71
CA ALA C 345 30.06 11.45 -6.71
C ALA C 345 30.82 11.59 -8.03
N GLU C 346 32.11 11.98 -7.96
CA GLU C 346 32.93 12.05 -9.16
C GLU C 346 33.03 10.68 -9.83
N THR C 347 33.20 9.62 -9.04
CA THR C 347 33.28 8.28 -9.63
C THR C 347 31.99 7.95 -10.38
N LEU C 348 30.84 8.15 -9.73
CA LEU C 348 29.58 7.87 -10.41
C LEU C 348 29.47 8.71 -11.69
N TYR C 349 29.70 10.01 -11.59
CA TYR C 349 29.52 10.90 -12.73
C TYR C 349 30.37 10.44 -13.91
N HIS C 350 31.64 10.11 -13.66
CA HIS C 350 32.54 9.82 -14.76
C HIS C 350 32.50 8.36 -15.23
N ASN C 351 32.09 7.44 -14.36
CA ASN C 351 32.20 6.03 -14.69
C ASN C 351 30.92 5.24 -14.61
N GLY C 352 29.91 5.70 -13.87
CA GLY C 352 28.78 4.84 -13.64
C GLY C 352 27.46 5.31 -14.21
N LEU C 353 27.37 6.51 -14.76
CA LEU C 353 26.10 7.03 -15.26
C LEU C 353 25.99 6.73 -16.76
N THR C 354 24.82 6.25 -17.19
CA THR C 354 24.58 6.10 -18.61
C THR C 354 24.39 7.47 -19.27
N SER C 355 24.42 7.48 -20.60
CA SER C 355 24.08 8.70 -21.34
C SER C 355 22.71 9.24 -20.90
N ALA C 356 21.72 8.36 -20.76
CA ALA C 356 20.37 8.74 -20.39
C ALA C 356 20.22 9.13 -18.91
N GLY C 357 21.27 9.05 -18.12
CA GLY C 357 21.21 9.53 -16.75
C GLY C 357 20.86 8.49 -15.70
N LEU C 358 21.08 7.21 -15.97
CA LEU C 358 20.78 6.17 -15.01
C LEU C 358 22.05 5.70 -14.31
N ALA C 359 21.95 5.50 -13.00
CA ALA C 359 23.00 4.92 -12.20
C ALA C 359 22.73 3.44 -12.04
N GLY C 360 23.78 2.65 -11.87
CA GLY C 360 23.62 1.26 -11.59
C GLY C 360 23.98 0.93 -10.15
N PRO C 361 23.93 -0.36 -9.81
CA PRO C 361 24.28 -0.75 -8.44
C PRO C 361 25.75 -0.55 -8.11
N ASN C 362 26.62 -0.64 -9.12
CA ASN C 362 28.06 -0.43 -8.97
C ASN C 362 28.40 0.93 -9.56
N TRP C 363 28.74 1.89 -8.70
CA TRP C 363 28.98 3.25 -9.15
C TRP C 363 30.24 3.37 -10.02
N ASN C 364 31.05 2.32 -10.09
CA ASN C 364 32.24 2.31 -10.92
C ASN C 364 31.95 1.85 -12.34
N ASP C 365 30.71 1.43 -12.65
CA ASP C 365 30.43 0.85 -13.96
C ASP C 365 29.02 1.21 -14.41
N GLU C 366 28.88 1.48 -15.70
CA GLU C 366 27.56 1.78 -16.26
C GLU C 366 26.68 0.53 -16.24
N PRO C 367 25.43 0.61 -15.80
CA PRO C 367 24.56 -0.56 -15.93
C PRO C 367 24.29 -0.85 -17.40
N SER C 368 24.23 -2.12 -17.74
CA SER C 368 23.68 -2.57 -19.01
C SER C 368 22.23 -2.97 -18.76
N GLY C 369 21.29 -2.25 -19.36
CA GLY C 369 19.91 -2.68 -19.32
C GLY C 369 19.21 -2.25 -18.05
N ARG C 370 18.61 -3.20 -17.35
CA ARG C 370 17.61 -2.87 -16.34
C ARG C 370 18.23 -2.11 -15.17
N VAL C 371 17.54 -1.03 -14.77
CA VAL C 371 17.91 -0.24 -13.59
C VAL C 371 16.67 -0.09 -12.72
N ASP C 372 16.69 -0.69 -11.53
CA ASP C 372 15.59 -0.56 -10.60
C ASP C 372 15.51 0.87 -10.07
N LEU C 373 14.29 1.30 -9.74
CA LEU C 373 14.12 2.66 -9.21
C LEU C 373 14.99 2.89 -7.97
N SER C 374 15.12 1.87 -7.11
CA SER C 374 15.93 2.01 -5.91
C SER C 374 17.37 2.40 -6.25
N THR C 375 17.99 1.65 -7.14
CA THR C 375 19.35 1.93 -7.64
C THR C 375 19.45 3.37 -8.14
N GLN C 376 18.51 3.77 -8.99
CA GLN C 376 18.52 5.13 -9.52
C GLN C 376 18.44 6.15 -8.40
N LEU C 377 17.61 5.89 -7.38
CA LEU C 377 17.44 6.85 -6.32
C LEU C 377 18.74 7.02 -5.55
N SER C 378 19.49 5.93 -5.36
CA SER C 378 20.79 6.08 -4.70
C SER C 378 21.70 7.01 -5.50
N GLY C 379 21.68 6.88 -6.82
CA GLY C 379 22.45 7.81 -7.65
C GLY C 379 22.01 9.26 -7.48
N VAL C 380 20.70 9.49 -7.52
CA VAL C 380 20.21 10.86 -7.39
C VAL C 380 20.56 11.44 -6.02
N MET C 381 20.40 10.62 -4.98
CA MET C 381 20.73 11.06 -3.62
C MET C 381 22.20 11.44 -3.51
N LEU C 382 23.07 10.67 -4.14
CA LEU C 382 24.50 11.00 -4.10
C LEU C 382 24.75 12.38 -4.73
N MET C 383 24.17 12.60 -5.93
CA MET C 383 24.42 13.88 -6.60
C MET C 383 23.80 15.05 -5.84
N GLU C 384 22.64 14.84 -5.21
CA GLU C 384 22.04 15.90 -4.41
C GLU C 384 22.87 16.20 -3.16
N ALA C 385 23.38 15.16 -2.50
CA ALA C 385 24.27 15.36 -1.35
C ALA C 385 25.52 16.13 -1.76
N LYS C 386 26.13 15.73 -2.87
CA LYS C 386 27.31 16.45 -3.33
C LYS C 386 26.99 17.93 -3.56
N ALA C 387 25.87 18.22 -4.22
CA ALA C 387 25.48 19.62 -4.42
C ALA C 387 25.29 20.35 -3.09
N LEU C 388 24.71 19.67 -2.10
CA LEU C 388 24.52 20.27 -0.78
C LEU C 388 25.85 20.70 -0.18
N LEU C 389 26.90 19.92 -0.37
CA LEU C 389 28.23 20.18 0.23
C LEU C 389 28.94 21.32 -0.49
N GLU C 390 28.50 21.67 -1.68
CA GLU C 390 29.07 22.77 -2.50
C GLU C 390 28.38 24.09 -2.13
#